data_4UAQ
#
_entry.id   4UAQ
#
_cell.length_a   39.600
_cell.length_b   162.090
_cell.length_c   67.310
_cell.angle_alpha   90.00
_cell.angle_beta   95.87
_cell.angle_gamma   90.00
#
_symmetry.space_group_name_H-M   'P 1 21 1'
#
loop_
_entity.id
_entity.type
_entity.pdbx_description
1 polymer 'Protein translocase subunit SecA 2'
2 water water
#
_entity_poly.entity_id   1
_entity_poly.type   'polypeptide(L)'
_entity_poly.pdbx_seq_one_letter_code
;VPKTTRAQPGRLSSRFWRLLGASTEKNRSRSLADVTASAEYDKEAADLSDEKLRKAAGLLNLDDLAESADIPQFLAIARE
AAERRTGLRPFDVQLLGALR(MSE)LAGDVIE(MSE)ATGEGKTLAGAIAAAGYALAGRHVHVVTINDYLARRDAEW
(MSE)GPLLDA(MSE)GLTVGWITADSTPDERRTAYDRDVTYASVNEIGFDVLRDQLVTDVNDLVSPNPDVALIDEADSV
LVDEALVPLVLAGTTHRETPRLEIIRLVAELVGDKDADEYFATDSDNRNVHLTEHGARKVEKALGGIDLYSEEHVGTTLT
EVNVALHAHVLLQRDVHYIVRDDAVHLINASRGRIAQLQRWPDGLQAAVEAKEGIETTETGEVLDTITVQALINRYATVC
G(MSE)TGTALAAGEQLRQFYQLGVSPIPPNKPNIREDEADRVYITTAAKNDGIVEHITEVHQRGQPVLVGTRDVAESEE
LHERLVRRGVPAVVLNAKNDAEEARVIAEAGKYGAVTVSTQ(MSE)AGRGTDIRLGGSDEADHDRVAELGGLHVVGTGRH
HTERLDNQLRGRAGRQGDPGSSVFFSSWEDDVVAANLDHNKLP(MSE)ATDENGRIVSPRTGSLLDHAQRVAEGRLLDVH
ANTWRYNQLIAQQRAIIVERRNTLLRTVTAREELAELAPKRYEELSDKVSEERLETICRQI(MSE)LYHLDRGWADHLAY
LADIRESIHLRALGRQNPLDEFHR(MSE)AVDAFASLAADAIEAAQQTFETANVLDHEPGLDLSKLARPTSTWTY(MSE)
VNDNPLSDDTLSALSLPGVFR
;
_entity_poly.pdbx_strand_id   A
#
# COMPACT_ATOMS: atom_id res chain seq x y z
N ARG A 28 23.61 21.65 0.62
CA ARG A 28 22.94 22.47 1.64
C ARG A 28 23.70 23.75 2.06
N SER A 29 24.90 23.99 1.46
CA SER A 29 25.77 25.15 1.71
C SER A 29 25.40 26.38 0.86
N ARG A 30 25.05 26.13 -0.42
CA ARG A 30 24.59 27.16 -1.38
C ARG A 30 23.14 27.54 -1.06
N SER A 31 22.36 26.53 -0.67
CA SER A 31 20.96 26.60 -0.29
C SER A 31 20.80 27.53 0.92
N LEU A 32 21.67 27.39 1.95
CA LEU A 32 21.66 28.21 3.15
C LEU A 32 21.84 29.68 2.82
N ALA A 33 22.73 29.97 1.86
CA ALA A 33 23.02 31.28 1.31
C ALA A 33 21.81 31.76 0.50
N ASP A 34 21.16 30.84 -0.28
CA ASP A 34 19.96 31.16 -1.05
C ASP A 34 18.78 31.53 -0.12
N VAL A 35 18.77 31.01 1.13
CA VAL A 35 17.75 31.33 2.15
C VAL A 35 18.01 32.73 2.76
N THR A 36 19.26 33.05 3.07
CA THR A 36 19.63 34.36 3.65
C THR A 36 19.50 35.51 2.65
N ALA A 37 19.63 35.21 1.33
CA ALA A 37 19.50 36.20 0.25
C ALA A 37 18.05 36.77 0.20
N SER A 38 17.03 35.87 0.34
CA SER A 38 15.60 36.18 0.34
C SER A 38 15.15 37.32 1.28
N ALA A 39 16.05 37.81 2.18
CA ALA A 39 15.83 38.92 3.13
C ALA A 39 15.63 40.23 2.39
N GLU A 40 16.38 40.39 1.27
CA GLU A 40 16.35 41.52 0.34
C GLU A 40 14.93 41.87 -0.09
N TYR A 41 14.06 40.85 -0.15
CA TYR A 41 12.71 40.98 -0.68
C TYR A 41 11.58 40.95 0.32
N ASP A 42 11.91 40.87 1.61
CA ASP A 42 10.82 40.81 2.59
C ASP A 42 9.97 42.10 2.69
N LYS A 43 10.61 43.27 2.47
CA LYS A 43 9.95 44.57 2.50
C LYS A 43 8.98 44.71 1.33
N GLU A 44 9.44 44.35 0.11
CA GLU A 44 8.69 44.40 -1.15
C GLU A 44 7.45 43.48 -1.10
N ALA A 45 7.65 42.18 -0.79
CA ALA A 45 6.60 41.17 -0.68
C ALA A 45 5.49 41.60 0.28
N ALA A 46 5.84 42.19 1.45
CA ALA A 46 4.88 42.66 2.45
C ALA A 46 4.00 43.82 1.96
N ASP A 47 4.55 44.64 1.04
CA ASP A 47 3.88 45.79 0.44
C ASP A 47 2.92 45.39 -0.70
N LEU A 48 3.14 44.18 -1.28
CA LEU A 48 2.34 43.65 -2.39
C LEU A 48 0.91 43.27 -2.00
N SER A 49 -0.06 43.72 -2.82
CA SER A 49 -1.47 43.41 -2.67
C SER A 49 -1.65 41.99 -3.16
N ASP A 50 -2.53 41.21 -2.50
CA ASP A 50 -2.83 39.80 -2.83
C ASP A 50 -2.74 39.52 -4.35
N GLU A 51 -3.29 40.44 -5.19
CA GLU A 51 -3.28 40.37 -6.66
C GLU A 51 -1.87 40.36 -7.27
N LYS A 52 -1.07 41.39 -6.95
CA LYS A 52 0.30 41.56 -7.44
C LYS A 52 1.23 40.46 -6.94
N LEU A 53 0.93 39.86 -5.76
CA LEU A 53 1.71 38.74 -5.20
C LEU A 53 1.52 37.48 -6.05
N ARG A 54 0.27 37.18 -6.46
CA ARG A 54 -0.06 36.02 -7.31
C ARG A 54 0.56 36.17 -8.70
N LYS A 55 0.67 37.43 -9.20
CA LYS A 55 1.26 37.75 -10.49
C LYS A 55 2.79 37.71 -10.37
N ALA A 56 3.32 38.13 -9.19
CA ALA A 56 4.76 38.16 -8.90
C ALA A 56 5.33 36.78 -8.95
N ALA A 57 4.61 35.82 -8.32
CA ALA A 57 4.96 34.40 -8.28
C ALA A 57 4.85 33.83 -9.68
N GLY A 58 3.79 34.20 -10.40
CA GLY A 58 3.54 33.80 -11.78
C GLY A 58 4.61 34.26 -12.78
N LEU A 59 5.40 35.25 -12.40
CA LEU A 59 6.50 35.79 -13.18
C LEU A 59 7.83 35.30 -12.57
N LEU A 60 7.98 33.98 -12.42
CA LEU A 60 9.21 33.47 -11.83
C LEU A 60 9.84 32.37 -12.66
N ASN A 61 11.14 32.52 -12.97
CA ASN A 61 11.89 31.56 -13.77
C ASN A 61 12.60 30.58 -12.86
N LEU A 62 11.94 29.44 -12.62
CA LEU A 62 12.45 28.35 -11.78
C LEU A 62 12.54 27.01 -12.56
N ASP A 63 12.83 27.04 -13.86
CA ASP A 63 12.94 25.81 -14.64
C ASP A 63 14.20 24.99 -14.25
N ASP A 64 15.21 25.69 -13.65
CA ASP A 64 16.47 25.12 -13.14
C ASP A 64 16.31 24.74 -11.65
N LEU A 65 15.04 24.48 -11.26
CA LEU A 65 14.56 24.08 -9.93
C LEU A 65 15.20 24.81 -8.77
N ALA A 66 15.92 24.12 -7.87
CA ALA A 66 16.51 24.77 -6.70
C ALA A 66 17.64 25.76 -6.97
N GLU A 67 18.63 25.34 -7.76
CA GLU A 67 19.81 26.16 -8.07
C GLU A 67 19.52 27.58 -8.69
N SER A 68 18.45 27.70 -9.53
CA SER A 68 17.99 28.90 -10.25
C SER A 68 18.11 30.30 -9.58
N ALA A 69 18.15 31.35 -10.44
CA ALA A 69 18.31 32.77 -10.09
C ALA A 69 17.17 33.35 -9.27
N ASP A 70 15.92 33.05 -9.68
CA ASP A 70 14.68 33.55 -9.05
C ASP A 70 14.30 32.80 -7.75
N ILE A 71 15.26 32.07 -7.16
CA ILE A 71 15.05 31.30 -5.95
C ILE A 71 14.88 32.13 -4.68
N PRO A 72 15.72 33.15 -4.36
CA PRO A 72 15.45 33.92 -3.13
C PRO A 72 14.15 34.69 -3.24
N GLN A 73 13.81 35.16 -4.45
CA GLN A 73 12.56 35.88 -4.72
C GLN A 73 11.34 35.00 -4.37
N PHE A 74 11.42 33.71 -4.73
CA PHE A 74 10.41 32.68 -4.48
C PHE A 74 10.27 32.43 -2.98
N LEU A 75 11.37 32.07 -2.31
CA LEU A 75 11.40 31.84 -0.85
C LEU A 75 10.71 32.95 -0.09
N ALA A 76 10.90 34.20 -0.57
CA ALA A 76 10.30 35.40 -0.02
C ALA A 76 8.81 35.44 -0.30
N ILE A 77 8.38 35.12 -1.55
CA ILE A 77 6.96 35.10 -1.93
C ILE A 77 6.23 33.99 -1.13
N ALA A 78 6.85 32.80 -1.06
CA ALA A 78 6.39 31.64 -0.29
C ALA A 78 6.14 32.04 1.20
N ARG A 79 7.15 32.69 1.83
CA ARG A 79 7.08 33.18 3.19
C ARG A 79 5.90 34.14 3.33
N GLU A 80 5.80 35.15 2.44
CA GLU A 80 4.74 36.13 2.54
C GLU A 80 3.38 35.53 2.32
N ALA A 81 3.19 34.78 1.22
CA ALA A 81 1.94 34.13 0.93
C ALA A 81 1.49 33.29 2.16
N ALA A 82 2.43 32.57 2.82
CA ALA A 82 2.16 31.75 4.01
C ALA A 82 1.61 32.55 5.19
N GLU A 83 2.29 33.64 5.56
CA GLU A 83 1.88 34.52 6.64
C GLU A 83 0.51 35.19 6.32
N ARG A 84 0.28 35.54 5.04
CA ARG A 84 -0.96 36.14 4.53
C ARG A 84 -2.14 35.17 4.62
N ARG A 85 -1.95 33.92 4.14
CA ARG A 85 -2.98 32.88 4.11
C ARG A 85 -3.08 32.15 5.44
N THR A 86 -2.27 31.07 5.63
CA THR A 86 -2.23 30.23 6.83
C THR A 86 -2.06 31.02 8.13
N GLY A 87 -1.10 31.93 8.14
CA GLY A 87 -0.81 32.80 9.28
C GLY A 87 0.54 32.57 9.91
N LEU A 88 0.98 31.29 9.97
CA LEU A 88 2.27 30.95 10.54
C LEU A 88 3.41 31.33 9.57
N ARG A 89 4.19 32.36 9.98
CA ARG A 89 5.36 32.92 9.29
C ARG A 89 6.45 31.81 9.24
N PRO A 90 6.78 31.27 8.04
CA PRO A 90 7.79 30.20 7.97
C PRO A 90 9.17 30.60 8.50
N PHE A 91 9.94 29.60 8.95
CA PHE A 91 11.30 29.81 9.47
C PHE A 91 12.30 29.46 8.38
N ASP A 92 13.55 29.96 8.52
CA ASP A 92 14.66 29.72 7.58
C ASP A 92 14.93 28.21 7.47
N VAL A 93 14.57 27.48 8.54
CA VAL A 93 14.71 26.03 8.58
C VAL A 93 13.63 25.34 7.71
N GLN A 94 12.39 25.85 7.79
CA GLN A 94 11.25 25.40 6.99
C GLN A 94 11.48 25.81 5.50
N LEU A 95 12.32 26.85 5.25
CA LEU A 95 12.62 27.17 3.86
C LEU A 95 13.76 26.25 3.33
N LEU A 96 14.76 25.91 4.17
CA LEU A 96 15.84 25.01 3.76
C LEU A 96 15.32 23.60 3.50
N GLY A 97 14.28 23.21 4.26
CA GLY A 97 13.60 21.92 4.08
C GLY A 97 13.03 21.85 2.69
N ALA A 98 12.18 22.83 2.33
CA ALA A 98 11.55 22.97 1.01
C ALA A 98 12.58 23.12 -0.10
N LEU A 99 13.63 23.93 0.16
CA LEU A 99 14.71 24.18 -0.81
C LEU A 99 15.51 22.93 -1.07
N ARG A 100 15.82 22.16 0.01
CA ARG A 100 16.53 20.91 -0.16
C ARG A 100 15.69 19.82 -0.84
N MSE A 101 14.38 19.94 -0.75
CA MSE A 101 13.43 19.06 -1.41
C MSE A 101 13.38 19.42 -2.91
O MSE A 101 13.36 18.51 -3.75
CB MSE A 101 12.07 19.14 -0.75
CG MSE A 101 11.99 18.30 0.50
SE MSE A 101 10.30 18.49 1.44
CE MSE A 101 9.56 16.91 0.92
N LEU A 102 13.43 20.73 -3.25
CA LEU A 102 13.43 21.15 -4.65
C LEU A 102 14.62 20.53 -5.36
N ALA A 103 15.76 20.34 -4.63
CA ALA A 103 16.97 19.73 -5.17
C ALA A 103 16.97 18.18 -5.13
N GLY A 104 15.77 17.58 -5.12
CA GLY A 104 15.53 16.14 -5.17
C GLY A 104 16.07 15.29 -4.02
N ASP A 105 16.05 15.84 -2.80
CA ASP A 105 16.54 15.14 -1.61
C ASP A 105 15.39 14.76 -0.68
N VAL A 106 15.64 13.73 0.15
CA VAL A 106 14.75 13.31 1.22
C VAL A 106 15.31 14.03 2.43
N ILE A 107 14.52 14.92 3.03
CA ILE A 107 14.98 15.69 4.18
C ILE A 107 14.72 14.99 5.51
N GLU A 108 15.49 15.39 6.55
CA GLU A 108 15.33 14.89 7.90
C GLU A 108 14.80 16.07 8.69
N MSE A 109 13.46 16.15 8.85
CA MSE A 109 12.78 17.22 9.58
C MSE A 109 11.98 16.65 10.72
O MSE A 109 11.24 15.69 10.52
CB MSE A 109 11.86 18.03 8.67
CG MSE A 109 12.34 19.43 8.48
SE MSE A 109 10.92 20.70 8.15
CE MSE A 109 11.54 22.10 9.26
N ALA A 110 12.12 17.24 11.91
CA ALA A 110 11.47 16.69 13.08
C ALA A 110 10.05 17.14 13.35
N THR A 111 9.35 16.35 14.15
CA THR A 111 7.96 16.60 14.50
C THR A 111 7.85 17.89 15.28
N GLY A 112 7.11 18.82 14.69
CA GLY A 112 6.89 20.11 15.28
C GLY A 112 7.59 21.13 14.42
N GLU A 113 8.31 20.69 13.39
CA GLU A 113 9.08 21.59 12.55
C GLU A 113 8.36 22.16 11.33
N GLY A 114 7.12 21.74 11.13
CA GLY A 114 6.35 22.23 9.99
C GLY A 114 6.61 21.46 8.71
N LYS A 115 6.40 20.13 8.78
CA LYS A 115 6.58 19.22 7.65
C LYS A 115 5.58 19.51 6.53
N THR A 116 4.31 19.78 6.87
CA THR A 116 3.24 20.10 5.90
C THR A 116 3.56 21.34 5.06
N LEU A 117 3.84 22.47 5.74
CA LEU A 117 4.16 23.72 5.07
C LEU A 117 5.48 23.67 4.30
N ALA A 118 6.48 22.91 4.77
CA ALA A 118 7.77 22.80 4.06
C ALA A 118 7.56 22.12 2.70
N GLY A 119 6.87 20.98 2.71
CA GLY A 119 6.54 20.23 1.51
C GLY A 119 5.68 21.00 0.52
N ALA A 120 4.75 21.85 1.02
CA ALA A 120 3.83 22.64 0.18
C ALA A 120 4.51 23.79 -0.48
N ILE A 121 5.54 24.36 0.17
CA ILE A 121 6.35 25.43 -0.43
C ILE A 121 7.22 24.76 -1.50
N ALA A 122 7.76 23.55 -1.18
CA ALA A 122 8.58 22.73 -2.07
C ALA A 122 7.79 22.35 -3.31
N ALA A 123 6.52 21.91 -3.12
CA ALA A 123 5.57 21.51 -4.17
C ALA A 123 5.34 22.68 -5.15
N ALA A 124 5.13 23.93 -4.62
CA ALA A 124 4.95 25.16 -5.40
C ALA A 124 6.13 25.34 -6.34
N GLY A 125 7.34 25.39 -5.78
CA GLY A 125 8.59 25.49 -6.53
C GLY A 125 8.61 24.61 -7.75
N TYR A 126 8.18 23.34 -7.55
CA TYR A 126 8.08 22.33 -8.59
C TYR A 126 6.91 22.64 -9.54
N ALA A 127 5.76 23.12 -9.03
CA ALA A 127 4.59 23.40 -9.89
C ALA A 127 4.78 24.69 -10.71
N LEU A 128 5.33 25.74 -10.09
CA LEU A 128 5.67 27.00 -10.73
C LEU A 128 6.58 26.74 -11.91
N ALA A 129 7.42 25.69 -11.78
CA ALA A 129 8.37 25.24 -12.79
C ALA A 129 7.69 24.43 -13.90
N GLY A 130 6.37 24.46 -13.90
CA GLY A 130 5.55 23.78 -14.90
C GLY A 130 5.27 22.31 -14.63
N ARG A 131 5.92 21.70 -13.60
CA ARG A 131 5.75 20.28 -13.21
C ARG A 131 4.34 19.92 -12.66
N HIS A 132 4.07 18.61 -12.48
CA HIS A 132 2.78 18.12 -11.94
C HIS A 132 3.03 17.26 -10.68
N VAL A 133 3.13 17.93 -9.51
CA VAL A 133 3.42 17.36 -8.18
C VAL A 133 2.35 16.43 -7.63
N HIS A 134 2.80 15.32 -7.00
CA HIS A 134 1.99 14.33 -6.30
C HIS A 134 2.51 14.30 -4.87
N VAL A 135 1.68 14.75 -3.90
CA VAL A 135 2.08 14.79 -2.48
C VAL A 135 1.56 13.57 -1.69
N VAL A 136 2.35 12.46 -1.77
CA VAL A 136 2.11 11.14 -1.17
C VAL A 136 2.10 11.20 0.36
N THR A 137 0.90 11.28 0.93
CA THR A 137 0.66 11.37 2.36
C THR A 137 0.73 10.00 3.12
N ILE A 138 0.40 8.89 2.39
CA ILE A 138 0.34 7.51 2.91
C ILE A 138 -0.71 7.34 4.08
N ASN A 139 -1.84 8.11 3.96
CA ASN A 139 -2.95 8.22 4.90
C ASN A 139 -4.06 9.09 4.24
N ASP A 140 -5.30 8.54 4.09
CA ASP A 140 -6.44 9.25 3.48
C ASP A 140 -6.88 10.45 4.29
N TYR A 141 -6.77 10.42 5.62
CA TYR A 141 -7.14 11.55 6.49
C TYR A 141 -6.23 12.76 6.26
N LEU A 142 -4.89 12.51 6.30
CA LEU A 142 -3.84 13.52 6.14
C LEU A 142 -3.86 14.17 4.79
N ALA A 143 -4.20 13.40 3.72
CA ALA A 143 -4.32 13.86 2.35
C ALA A 143 -5.34 15.00 2.24
N ARG A 144 -6.61 14.76 2.64
CA ARG A 144 -7.70 15.77 2.63
C ARG A 144 -7.37 16.95 3.55
N ARG A 145 -6.79 16.67 4.75
CA ARG A 145 -6.43 17.69 5.74
C ARG A 145 -5.36 18.65 5.21
N ASP A 146 -4.25 18.13 4.65
CA ASP A 146 -3.15 18.96 4.14
C ASP A 146 -3.47 19.73 2.85
N ALA A 147 -4.44 19.27 2.06
CA ALA A 147 -4.85 19.94 0.84
C ALA A 147 -5.73 21.14 1.14
N GLU A 148 -6.53 21.07 2.23
CA GLU A 148 -7.42 22.16 2.63
C GLU A 148 -6.65 23.19 3.46
N TRP A 149 -5.55 22.75 4.06
CA TRP A 149 -4.65 23.57 4.87
C TRP A 149 -3.71 24.35 3.97
N MSE A 150 -3.09 23.64 3.01
CA MSE A 150 -2.12 24.21 2.08
C MSE A 150 -2.75 24.96 0.93
O MSE A 150 -2.16 25.93 0.46
CB MSE A 150 -1.14 23.15 1.57
CG MSE A 150 -0.14 22.71 2.62
SE MSE A 150 0.35 24.06 3.97
CE MSE A 150 1.48 25.24 3.05
N GLY A 151 -3.91 24.48 0.48
CA GLY A 151 -4.70 25.06 -0.61
C GLY A 151 -4.63 26.57 -0.69
N PRO A 152 -5.12 27.31 0.33
CA PRO A 152 -5.03 28.79 0.29
C PRO A 152 -3.65 29.38 0.02
N LEU A 153 -2.56 28.83 0.62
CA LEU A 153 -1.16 29.28 0.42
C LEU A 153 -0.78 29.22 -1.07
N LEU A 154 -1.14 28.10 -1.73
CA LEU A 154 -0.88 27.80 -3.13
C LEU A 154 -1.80 28.63 -4.04
N ASP A 155 -3.04 28.89 -3.57
CA ASP A 155 -4.03 29.71 -4.25
C ASP A 155 -3.41 31.09 -4.44
N ALA A 156 -2.81 31.65 -3.35
CA ALA A 156 -2.11 32.93 -3.30
C ALA A 156 -0.89 32.95 -4.22
N MSE A 157 -0.54 31.79 -4.79
CA MSE A 157 0.58 31.65 -5.69
C MSE A 157 0.21 31.18 -7.12
O MSE A 157 1.08 30.84 -7.92
CB MSE A 157 1.68 30.79 -5.04
CG MSE A 157 2.30 31.50 -3.83
SE MSE A 157 4.03 30.84 -3.27
CE MSE A 157 5.09 31.25 -4.83
N GLY A 158 -1.11 31.26 -7.42
CA GLY A 158 -1.70 30.97 -8.72
C GLY A 158 -1.79 29.49 -9.08
N LEU A 159 -1.46 28.64 -8.09
CA LEU A 159 -1.44 27.20 -8.24
C LEU A 159 -2.67 26.60 -7.68
N THR A 160 -3.03 25.45 -8.25
CA THR A 160 -4.26 24.76 -7.90
C THR A 160 -3.97 23.48 -7.10
N VAL A 161 -4.75 23.24 -6.04
CA VAL A 161 -4.63 22.06 -5.16
C VAL A 161 -5.86 21.16 -5.24
N GLY A 162 -5.58 19.85 -5.37
CA GLY A 162 -6.58 18.79 -5.38
C GLY A 162 -6.23 17.73 -4.36
N TRP A 163 -7.21 16.90 -3.99
CA TRP A 163 -7.03 15.82 -3.01
C TRP A 163 -7.81 14.55 -3.39
N ILE A 164 -7.30 13.37 -2.97
CA ILE A 164 -7.93 12.06 -3.24
C ILE A 164 -8.08 11.15 -1.97
N THR A 165 -9.35 10.77 -1.71
CA THR A 165 -9.81 9.86 -0.66
C THR A 165 -10.18 8.50 -1.32
N ALA A 166 -10.53 7.46 -0.54
CA ALA A 166 -10.93 6.15 -1.11
C ALA A 166 -12.29 6.26 -1.80
N ASP A 167 -13.19 7.04 -1.21
CA ASP A 167 -14.55 7.28 -1.64
C ASP A 167 -14.66 8.07 -2.93
N SER A 168 -13.78 9.08 -3.14
CA SER A 168 -13.80 9.96 -4.32
C SER A 168 -13.93 9.21 -5.65
N THR A 169 -14.98 9.56 -6.44
CA THR A 169 -15.35 8.91 -7.71
C THR A 169 -14.30 9.09 -8.83
N PRO A 170 -14.37 8.35 -9.97
CA PRO A 170 -13.34 8.52 -11.03
C PRO A 170 -13.28 9.93 -11.63
N ASP A 171 -14.43 10.63 -11.67
CA ASP A 171 -14.51 11.99 -12.17
C ASP A 171 -13.86 12.88 -11.18
N GLU A 172 -14.07 12.61 -9.89
CA GLU A 172 -13.48 13.38 -8.80
C GLU A 172 -11.94 13.20 -8.74
N ARG A 173 -11.47 12.05 -9.23
CA ARG A 173 -10.05 11.73 -9.28
C ARG A 173 -9.40 12.52 -10.42
N ARG A 174 -10.00 12.48 -11.62
CA ARG A 174 -9.54 13.23 -12.80
C ARG A 174 -9.37 14.75 -12.48
N THR A 175 -10.37 15.35 -11.80
CA THR A 175 -10.34 16.75 -11.41
C THR A 175 -9.18 17.03 -10.45
N ALA A 176 -9.01 16.16 -9.42
CA ALA A 176 -7.96 16.23 -8.41
C ALA A 176 -6.59 16.04 -9.06
N TYR A 177 -6.47 15.09 -10.00
CA TYR A 177 -5.20 14.84 -10.69
C TYR A 177 -4.84 15.98 -11.63
N ASP A 178 -5.86 16.71 -12.15
CA ASP A 178 -5.71 17.82 -13.10
C ASP A 178 -4.95 19.00 -12.54
N ARG A 179 -5.06 19.21 -11.21
CA ARG A 179 -4.42 20.28 -10.43
C ARG A 179 -2.91 20.19 -10.38
N ASP A 180 -2.25 21.34 -10.28
CA ASP A 180 -0.79 21.48 -10.16
C ASP A 180 -0.23 20.60 -9.06
N VAL A 181 -0.87 20.65 -7.88
CA VAL A 181 -0.48 19.84 -6.72
C VAL A 181 -1.68 18.94 -6.29
N THR A 182 -1.43 17.61 -6.14
CA THR A 182 -2.44 16.61 -5.74
C THR A 182 -2.04 15.84 -4.46
N TYR A 183 -2.91 15.85 -3.44
CA TYR A 183 -2.67 15.17 -2.16
C TYR A 183 -3.43 13.85 -2.10
N ALA A 184 -2.70 12.71 -2.06
CA ALA A 184 -3.29 11.36 -2.01
C ALA A 184 -2.37 10.34 -1.28
N SER A 185 -2.95 9.31 -0.66
CA SER A 185 -2.19 8.24 0.00
C SER A 185 -1.51 7.34 -1.04
N VAL A 186 -0.42 6.65 -0.65
CA VAL A 186 0.33 5.76 -1.55
C VAL A 186 -0.55 4.63 -2.09
N ASN A 187 -1.59 4.28 -1.31
CA ASN A 187 -2.55 3.24 -1.62
C ASN A 187 -3.45 3.63 -2.75
N GLU A 188 -4.05 4.82 -2.72
CA GLU A 188 -4.93 5.33 -3.77
C GLU A 188 -4.19 5.57 -5.10
N ILE A 189 -3.04 6.28 -5.05
CA ILE A 189 -2.14 6.54 -6.18
C ILE A 189 -1.92 5.19 -6.89
N GLY A 190 -1.63 4.16 -6.08
CA GLY A 190 -1.38 2.79 -6.52
C GLY A 190 -2.62 2.10 -7.02
N PHE A 191 -3.69 2.13 -6.24
CA PHE A 191 -4.97 1.55 -6.59
C PHE A 191 -5.52 2.11 -7.91
N ASP A 192 -5.22 3.39 -8.22
CA ASP A 192 -5.61 4.07 -9.45
C ASP A 192 -4.86 3.55 -10.65
N VAL A 193 -3.56 3.24 -10.48
CA VAL A 193 -2.73 2.63 -11.53
C VAL A 193 -3.28 1.21 -11.80
N LEU A 194 -3.73 0.52 -10.73
CA LEU A 194 -4.30 -0.82 -10.87
C LEU A 194 -5.72 -0.84 -11.43
N ARG A 195 -6.66 -0.04 -10.86
CA ARG A 195 -8.07 0.04 -11.35
C ARG A 195 -8.14 0.41 -12.84
N ASP A 196 -7.08 1.04 -13.38
CA ASP A 196 -6.99 1.41 -14.80
C ASP A 196 -6.91 0.15 -15.69
N GLN A 197 -6.70 -1.05 -15.04
CA GLN A 197 -6.62 -2.37 -15.68
C GLN A 197 -8.00 -3.11 -15.63
N LEU A 198 -9.07 -2.31 -15.65
CA LEU A 198 -10.45 -2.76 -15.69
C LEU A 198 -11.16 -1.94 -16.77
N VAL A 199 -10.44 -0.93 -17.27
CA VAL A 199 -10.90 0.03 -18.28
C VAL A 199 -11.08 -0.64 -19.63
N THR A 200 -12.29 -0.48 -20.19
CA THR A 200 -12.73 -0.95 -21.49
C THR A 200 -12.68 0.18 -22.57
N ASP A 201 -12.52 1.48 -22.14
CA ASP A 201 -12.39 2.67 -23.03
C ASP A 201 -11.64 3.86 -22.41
N VAL A 202 -10.60 4.37 -23.12
CA VAL A 202 -9.72 5.53 -22.82
C VAL A 202 -10.36 6.67 -21.99
N ASN A 203 -11.61 7.07 -22.32
CA ASN A 203 -12.31 8.15 -21.61
C ASN A 203 -12.62 7.85 -20.15
N ASP A 204 -12.41 6.59 -19.71
CA ASP A 204 -12.62 6.15 -18.32
C ASP A 204 -11.34 6.16 -17.49
N LEU A 205 -10.17 5.92 -18.15
CA LEU A 205 -8.82 5.95 -17.59
C LEU A 205 -8.63 7.14 -16.62
N VAL A 206 -8.22 6.82 -15.38
CA VAL A 206 -8.04 7.76 -14.26
C VAL A 206 -6.59 8.24 -14.09
N SER A 207 -5.68 7.37 -13.59
CA SER A 207 -4.26 7.65 -13.31
C SER A 207 -3.50 8.50 -14.35
N PRO A 208 -2.79 9.56 -13.88
CA PRO A 208 -2.03 10.41 -14.82
C PRO A 208 -0.55 10.02 -14.89
N ASN A 209 0.20 10.62 -15.83
CA ASN A 209 1.64 10.38 -15.96
C ASN A 209 2.33 10.73 -14.63
N PRO A 210 3.10 9.78 -14.05
CA PRO A 210 3.83 10.09 -12.81
C PRO A 210 5.03 10.97 -13.12
N ASP A 211 4.98 12.26 -12.71
CA ASP A 211 6.05 13.24 -12.92
C ASP A 211 6.82 13.44 -11.59
N VAL A 212 6.29 14.30 -10.69
CA VAL A 212 6.92 14.58 -9.39
C VAL A 212 6.21 13.91 -8.19
N ALA A 213 6.98 13.17 -7.40
CA ALA A 213 6.46 12.54 -6.20
C ALA A 213 7.07 13.21 -4.98
N LEU A 214 6.27 13.91 -4.20
CA LEU A 214 6.79 14.48 -2.98
C LEU A 214 6.14 13.64 -1.87
N ILE A 215 6.94 12.72 -1.30
CA ILE A 215 6.50 11.73 -0.32
C ILE A 215 6.56 12.22 1.13
N ASP A 216 5.43 12.13 1.88
CA ASP A 216 5.44 12.48 3.30
C ASP A 216 5.75 11.24 4.10
N GLU A 217 6.63 11.37 5.12
CA GLU A 217 7.16 10.26 5.93
C GLU A 217 7.86 9.23 4.99
N ALA A 218 8.86 9.74 4.22
CA ALA A 218 9.62 8.98 3.21
C ALA A 218 10.15 7.65 3.70
N ASP A 219 10.55 7.64 4.99
CA ASP A 219 11.12 6.56 5.82
C ASP A 219 10.25 5.29 5.74
N SER A 220 8.96 5.44 6.12
CA SER A 220 7.92 4.43 6.17
C SER A 220 7.63 3.86 4.80
N VAL A 221 7.06 4.70 3.89
CA VAL A 221 6.65 4.43 2.50
C VAL A 221 7.75 3.75 1.72
N LEU A 222 8.95 4.38 1.68
CA LEU A 222 10.04 3.91 0.85
C LEU A 222 10.85 2.78 1.36
N VAL A 223 11.00 2.66 2.69
CA VAL A 223 11.85 1.59 3.23
C VAL A 223 11.03 0.44 3.79
N ASP A 224 10.19 0.75 4.78
CA ASP A 224 9.37 -0.21 5.49
C ASP A 224 8.30 -0.89 4.64
N GLU A 225 7.47 -0.09 3.96
CA GLU A 225 6.36 -0.60 3.15
C GLU A 225 6.69 -0.91 1.70
N ALA A 226 7.96 -0.76 1.28
CA ALA A 226 8.38 -0.96 -0.11
C ALA A 226 8.01 -2.31 -0.70
N LEU A 227 8.31 -3.40 0.02
CA LEU A 227 8.05 -4.77 -0.42
C LEU A 227 6.56 -5.15 -0.49
N VAL A 228 5.70 -4.37 0.24
CA VAL A 228 4.24 -4.57 0.37
C VAL A 228 3.51 -4.38 -0.95
N PRO A 229 2.83 -5.43 -1.45
CA PRO A 229 2.15 -5.30 -2.73
C PRO A 229 0.71 -4.79 -2.66
N LEU A 230 0.32 -4.04 -3.69
CA LEU A 230 -1.02 -3.48 -3.86
C LEU A 230 -1.66 -4.40 -4.88
N VAL A 231 -2.83 -4.97 -4.55
CA VAL A 231 -3.46 -6.00 -5.38
C VAL A 231 -4.84 -5.59 -5.91
N LEU A 232 -5.19 -6.12 -7.08
CA LEU A 232 -6.48 -5.97 -7.72
C LEU A 232 -7.06 -7.38 -7.87
N ALA A 233 -8.03 -7.72 -7.03
CA ALA A 233 -8.71 -9.02 -7.03
C ALA A 233 -10.14 -8.90 -7.58
N GLY A 234 -10.61 -9.94 -8.26
CA GLY A 234 -11.95 -9.96 -8.83
C GLY A 234 -12.61 -11.33 -8.85
N THR A 235 -13.92 -11.35 -8.54
CA THR A 235 -14.76 -12.56 -8.48
C THR A 235 -14.86 -13.31 -9.82
N THR A 236 -14.52 -14.62 -9.81
CA THR A 236 -14.55 -15.53 -10.97
C THR A 236 -15.99 -15.83 -11.43
N THR A 240 -21.54 -20.49 -11.89
CA THR A 240 -22.70 -21.07 -11.22
C THR A 240 -23.55 -21.93 -12.17
N PRO A 241 -23.41 -23.29 -12.13
CA PRO A 241 -24.22 -24.14 -13.02
C PRO A 241 -25.64 -24.32 -12.47
N ARG A 242 -26.46 -25.19 -13.11
CA ARG A 242 -27.82 -25.45 -12.64
C ARG A 242 -27.80 -26.47 -11.53
N LEU A 243 -28.53 -26.19 -10.44
CA LEU A 243 -28.71 -27.12 -9.32
C LEU A 243 -29.67 -28.19 -9.84
N GLU A 244 -30.52 -27.78 -10.84
CA GLU A 244 -31.50 -28.59 -11.57
C GLU A 244 -30.84 -29.70 -12.41
N ILE A 245 -29.64 -29.41 -12.98
CA ILE A 245 -28.88 -30.36 -13.84
C ILE A 245 -27.99 -31.28 -13.02
N ILE A 246 -27.20 -30.72 -12.08
CA ILE A 246 -26.35 -31.49 -11.16
C ILE A 246 -27.20 -32.53 -10.44
N ARG A 247 -28.52 -32.22 -10.31
CA ARG A 247 -29.54 -33.09 -9.73
C ARG A 247 -29.94 -34.17 -10.75
N LEU A 248 -30.45 -33.76 -11.96
CA LEU A 248 -30.86 -34.66 -13.03
C LEU A 248 -29.81 -35.72 -13.35
N VAL A 249 -28.50 -35.35 -13.26
CA VAL A 249 -27.38 -36.26 -13.50
C VAL A 249 -27.26 -37.24 -12.33
N ALA A 250 -27.38 -36.76 -11.08
CA ALA A 250 -27.33 -37.63 -9.89
C ALA A 250 -28.50 -38.62 -9.89
N GLU A 251 -29.67 -38.19 -10.42
CA GLU A 251 -30.89 -39.01 -10.57
C GLU A 251 -30.67 -40.05 -11.68
N LEU A 252 -29.89 -39.69 -12.73
CA LEU A 252 -29.60 -40.56 -13.88
C LEU A 252 -28.68 -41.72 -13.52
N VAL A 253 -27.57 -41.44 -12.79
CA VAL A 253 -26.58 -42.45 -12.37
C VAL A 253 -27.11 -43.42 -11.29
N GLY A 254 -28.02 -42.94 -10.44
CA GLY A 254 -28.64 -43.66 -9.33
C GLY A 254 -29.28 -45.01 -9.61
N ASP A 255 -30.11 -45.08 -10.68
CA ASP A 255 -30.83 -46.31 -11.08
C ASP A 255 -29.95 -47.27 -11.93
N LYS A 256 -30.56 -48.32 -12.55
CA LYS A 256 -29.85 -49.26 -13.43
C LYS A 256 -29.69 -48.55 -14.78
N ASP A 257 -28.50 -47.91 -14.99
CA ASP A 257 -28.17 -47.09 -16.16
C ASP A 257 -27.50 -47.74 -17.36
N ALA A 258 -27.94 -47.29 -18.55
CA ALA A 258 -27.49 -47.63 -19.90
C ALA A 258 -27.75 -46.35 -20.71
N ASP A 259 -28.00 -45.25 -19.98
CA ASP A 259 -28.29 -43.90 -20.47
C ASP A 259 -27.03 -43.13 -20.89
N GLU A 260 -25.86 -43.51 -20.35
CA GLU A 260 -24.58 -42.88 -20.65
C GLU A 260 -23.53 -43.90 -21.10
N TYR A 261 -22.78 -43.56 -22.16
CA TYR A 261 -21.74 -44.43 -22.72
C TYR A 261 -20.36 -43.92 -22.37
N PHE A 262 -19.72 -44.55 -21.36
CA PHE A 262 -18.37 -44.23 -20.89
C PHE A 262 -17.33 -44.80 -21.89
N ALA A 263 -16.63 -43.89 -22.61
CA ALA A 263 -15.62 -44.14 -23.64
C ALA A 263 -14.57 -45.18 -23.25
N THR A 264 -14.22 -46.07 -24.21
CA THR A 264 -13.22 -47.13 -24.04
C THR A 264 -11.94 -46.92 -24.86
N ASP A 265 -11.98 -45.98 -25.85
CA ASP A 265 -10.84 -45.56 -26.68
C ASP A 265 -9.71 -44.97 -25.80
N SER A 266 -10.01 -44.86 -24.49
CA SER A 266 -9.25 -44.41 -23.32
C SER A 266 -10.24 -44.43 -22.15
N ASP A 267 -10.06 -45.34 -21.17
CA ASP A 267 -10.96 -45.51 -20.03
C ASP A 267 -11.20 -44.24 -19.20
N ASN A 268 -10.21 -43.33 -19.19
CA ASN A 268 -10.25 -42.05 -18.49
C ASN A 268 -10.86 -40.91 -19.34
N ARG A 269 -11.13 -41.17 -20.65
CA ARG A 269 -11.70 -40.19 -21.58
C ARG A 269 -13.16 -39.87 -21.32
N ASN A 270 -13.53 -38.58 -21.44
CA ASN A 270 -14.87 -38.02 -21.23
C ASN A 270 -16.01 -38.93 -21.70
N VAL A 271 -16.96 -39.21 -20.79
CA VAL A 271 -18.12 -40.05 -21.05
C VAL A 271 -19.09 -39.31 -21.95
N HIS A 272 -19.53 -39.97 -23.02
CA HIS A 272 -20.47 -39.43 -24.00
C HIS A 272 -21.89 -39.73 -23.51
N LEU A 273 -22.90 -39.14 -24.19
CA LEU A 273 -24.31 -39.36 -23.86
C LEU A 273 -24.92 -40.32 -24.88
N THR A 274 -25.85 -41.20 -24.43
CA THR A 274 -26.55 -42.10 -25.36
C THR A 274 -27.79 -41.37 -25.86
N GLU A 275 -28.46 -41.93 -26.87
CA GLU A 275 -29.69 -41.36 -27.43
C GLU A 275 -30.81 -41.48 -26.41
N HIS A 276 -30.91 -42.65 -25.74
CA HIS A 276 -31.93 -42.92 -24.72
C HIS A 276 -31.79 -41.91 -23.58
N GLY A 277 -30.55 -41.75 -23.09
CA GLY A 277 -30.20 -40.82 -22.02
C GLY A 277 -30.44 -39.36 -22.34
N ALA A 278 -30.12 -38.94 -23.59
CA ALA A 278 -30.33 -37.57 -24.03
C ALA A 278 -31.81 -37.20 -23.96
N ARG A 279 -32.70 -38.07 -24.47
CA ARG A 279 -34.15 -37.87 -24.47
C ARG A 279 -34.75 -37.82 -23.05
N LYS A 280 -34.09 -38.50 -22.06
CA LYS A 280 -34.50 -38.44 -20.66
C LYS A 280 -34.31 -36.97 -20.25
N VAL A 281 -33.06 -36.50 -20.37
CA VAL A 281 -32.56 -35.15 -20.12
C VAL A 281 -33.38 -34.08 -20.90
N GLU A 282 -33.69 -34.34 -22.19
CA GLU A 282 -34.43 -33.43 -23.07
C GLU A 282 -35.86 -33.11 -22.59
N LYS A 283 -36.54 -34.14 -22.02
CA LYS A 283 -37.91 -34.10 -21.48
C LYS A 283 -37.93 -33.67 -20.02
N ALA A 284 -36.95 -34.13 -19.20
CA ALA A 284 -36.80 -33.74 -17.78
C ALA A 284 -36.65 -32.19 -17.68
N LEU A 285 -36.11 -31.56 -18.74
CA LEU A 285 -35.96 -30.11 -18.86
C LEU A 285 -37.11 -29.48 -19.70
N GLY A 286 -38.27 -30.15 -19.69
CA GLY A 286 -39.52 -29.70 -20.30
C GLY A 286 -39.75 -29.71 -21.80
N GLY A 287 -38.95 -30.47 -22.55
CA GLY A 287 -39.13 -30.58 -24.00
C GLY A 287 -38.24 -29.66 -24.83
N ILE A 288 -36.97 -29.55 -24.44
CA ILE A 288 -35.99 -28.74 -25.17
C ILE A 288 -35.09 -29.64 -26.02
N ASP A 289 -34.54 -29.12 -27.14
CA ASP A 289 -33.59 -29.88 -27.94
C ASP A 289 -32.20 -29.45 -27.48
N LEU A 290 -31.40 -30.40 -26.94
CA LEU A 290 -30.02 -30.15 -26.47
C LEU A 290 -29.11 -29.68 -27.60
N TYR A 291 -29.37 -30.16 -28.81
CA TYR A 291 -28.55 -29.88 -29.98
C TYR A 291 -28.97 -28.66 -30.80
N SER A 292 -29.98 -27.92 -30.31
CA SER A 292 -30.36 -26.65 -30.95
C SER A 292 -29.38 -25.59 -30.45
N GLU A 293 -29.09 -24.57 -31.28
CA GLU A 293 -28.14 -23.48 -30.99
C GLU A 293 -28.35 -22.87 -29.61
N GLU A 294 -29.62 -22.81 -29.15
CA GLU A 294 -30.07 -22.33 -27.83
C GLU A 294 -29.46 -23.18 -26.69
N HIS A 295 -29.26 -24.49 -26.91
CA HIS A 295 -28.76 -25.38 -25.87
C HIS A 295 -27.40 -26.01 -26.09
N VAL A 296 -26.97 -26.09 -27.37
CA VAL A 296 -25.72 -26.70 -27.81
C VAL A 296 -24.51 -26.43 -26.91
N GLY A 297 -24.14 -25.15 -26.76
CA GLY A 297 -22.99 -24.77 -25.94
C GLY A 297 -23.28 -24.33 -24.52
N THR A 298 -24.49 -24.64 -24.00
CA THR A 298 -24.97 -24.20 -22.68
C THR A 298 -25.57 -25.31 -21.78
N THR A 299 -26.78 -25.78 -22.10
CA THR A 299 -27.48 -26.84 -21.35
C THR A 299 -26.73 -28.19 -21.47
N LEU A 300 -26.20 -28.48 -22.67
CA LEU A 300 -25.42 -29.67 -22.96
C LEU A 300 -24.04 -29.65 -22.25
N THR A 301 -23.29 -28.53 -22.30
CA THR A 301 -22.01 -28.48 -21.59
C THR A 301 -22.22 -28.63 -20.09
N GLU A 302 -23.34 -28.07 -19.58
CA GLU A 302 -23.75 -28.21 -18.18
C GLU A 302 -23.99 -29.66 -17.85
N VAL A 303 -24.65 -30.39 -18.77
CA VAL A 303 -24.94 -31.82 -18.65
C VAL A 303 -23.65 -32.61 -18.72
N ASN A 304 -22.84 -32.36 -19.77
CA ASN A 304 -21.58 -33.07 -20.04
C ASN A 304 -20.57 -33.00 -18.91
N VAL A 305 -20.33 -31.78 -18.36
CA VAL A 305 -19.40 -31.54 -17.26
C VAL A 305 -19.86 -32.30 -16.04
N ALA A 306 -21.14 -32.13 -15.64
CA ALA A 306 -21.74 -32.78 -14.47
C ALA A 306 -21.60 -34.28 -14.49
N LEU A 307 -21.84 -34.90 -15.67
CA LEU A 307 -21.73 -36.35 -15.86
C LEU A 307 -20.31 -36.80 -15.57
N HIS A 308 -19.29 -36.20 -16.24
CA HIS A 308 -17.86 -36.50 -16.07
C HIS A 308 -17.46 -36.63 -14.58
N ALA A 309 -17.75 -35.58 -13.82
CA ALA A 309 -17.48 -35.45 -12.39
C ALA A 309 -18.21 -36.54 -11.58
N HIS A 310 -19.49 -36.84 -11.92
CA HIS A 310 -20.34 -37.82 -11.25
C HIS A 310 -19.90 -39.25 -11.54
N VAL A 311 -19.56 -39.52 -12.82
CA VAL A 311 -19.20 -40.83 -13.33
C VAL A 311 -17.71 -41.16 -13.22
N LEU A 312 -16.87 -40.51 -14.06
CA LEU A 312 -15.43 -40.76 -14.15
C LEU A 312 -14.66 -40.56 -12.86
N LEU A 313 -15.01 -39.53 -12.08
CA LEU A 313 -14.35 -39.23 -10.81
C LEU A 313 -15.14 -39.71 -9.60
N GLN A 314 -14.43 -40.25 -8.60
CA GLN A 314 -14.97 -40.75 -7.34
C GLN A 314 -14.09 -40.29 -6.16
N ARG A 315 -14.62 -40.33 -4.93
CA ARG A 315 -13.89 -39.88 -3.72
C ARG A 315 -12.69 -40.79 -3.30
N ASP A 316 -12.06 -41.50 -4.27
CA ASP A 316 -10.92 -42.39 -4.06
C ASP A 316 -9.88 -42.20 -5.18
N VAL A 317 -8.73 -41.60 -4.82
CA VAL A 317 -7.59 -41.25 -5.69
C VAL A 317 -8.00 -40.50 -6.96
N HIS A 318 -8.91 -39.52 -6.79
CA HIS A 318 -9.42 -38.62 -7.83
C HIS A 318 -9.49 -37.19 -7.30
N TYR A 319 -10.09 -36.98 -6.09
CA TYR A 319 -10.20 -35.63 -5.54
C TYR A 319 -9.95 -35.39 -4.03
N ILE A 320 -10.67 -36.10 -3.12
CA ILE A 320 -10.58 -35.96 -1.64
C ILE A 320 -11.11 -34.62 -1.10
N VAL A 321 -11.38 -34.52 0.22
CA VAL A 321 -11.93 -33.31 0.84
C VAL A 321 -11.00 -32.54 1.84
N ARG A 322 -10.73 -33.15 3.02
CA ARG A 322 -9.93 -32.59 4.13
C ARG A 322 -10.59 -31.35 4.80
N ASP A 323 -10.68 -30.20 4.09
CA ASP A 323 -11.24 -28.95 4.63
C ASP A 323 -12.73 -28.81 4.32
N ASP A 324 -13.05 -28.18 3.19
CA ASP A 324 -14.40 -27.95 2.66
C ASP A 324 -14.26 -27.81 1.14
N ALA A 325 -13.12 -28.29 0.58
CA ALA A 325 -12.78 -28.19 -0.84
C ALA A 325 -12.22 -29.47 -1.47
N VAL A 326 -12.32 -29.58 -2.83
CA VAL A 326 -11.87 -30.70 -3.66
C VAL A 326 -10.44 -30.45 -4.18
N HIS A 327 -9.58 -31.47 -4.15
CA HIS A 327 -8.18 -31.36 -4.58
C HIS A 327 -7.86 -32.30 -5.77
N LEU A 328 -6.57 -32.49 -6.11
CA LEU A 328 -6.20 -33.36 -7.24
C LEU A 328 -5.01 -34.27 -6.90
N ILE A 329 -5.29 -35.57 -6.68
CA ILE A 329 -4.29 -36.60 -6.34
C ILE A 329 -3.37 -36.91 -7.53
N TRP A 342 -7.23 -27.33 -13.51
CA TRP A 342 -8.57 -27.93 -13.53
C TRP A 342 -9.27 -27.72 -14.88
N PRO A 343 -9.82 -28.80 -15.53
CA PRO A 343 -10.56 -28.60 -16.79
C PRO A 343 -11.80 -27.72 -16.59
N ASP A 344 -11.94 -26.63 -17.38
CA ASP A 344 -13.01 -25.61 -17.28
C ASP A 344 -14.41 -26.10 -16.81
N GLY A 345 -14.80 -25.64 -15.62
CA GLY A 345 -16.08 -25.94 -14.98
C GLY A 345 -16.18 -27.24 -14.19
N LEU A 346 -15.09 -28.06 -14.16
CA LEU A 346 -15.10 -29.34 -13.44
C LEU A 346 -14.95 -29.23 -11.94
N GLN A 347 -14.07 -28.32 -11.45
CA GLN A 347 -13.83 -28.12 -10.01
C GLN A 347 -15.16 -27.93 -9.29
N ALA A 348 -15.96 -26.94 -9.77
CA ALA A 348 -17.29 -26.59 -9.28
C ALA A 348 -18.28 -27.72 -9.45
N ALA A 349 -18.12 -28.54 -10.50
CA ALA A 349 -18.99 -29.69 -10.73
C ALA A 349 -18.68 -30.82 -9.74
N VAL A 350 -17.41 -30.93 -9.29
CA VAL A 350 -16.99 -31.94 -8.31
C VAL A 350 -17.42 -31.43 -6.94
N GLU A 351 -17.32 -30.11 -6.75
CA GLU A 351 -17.73 -29.38 -5.55
C GLU A 351 -19.24 -29.46 -5.32
N ALA A 352 -20.03 -29.70 -6.38
CA ALA A 352 -21.50 -29.78 -6.30
C ALA A 352 -22.00 -31.23 -6.23
N LYS A 353 -21.11 -32.19 -6.46
CA LYS A 353 -21.43 -33.61 -6.39
C LYS A 353 -21.36 -34.06 -4.91
N GLU A 354 -20.28 -33.67 -4.24
CA GLU A 354 -20.05 -34.05 -2.85
C GLU A 354 -20.96 -33.19 -2.01
N GLY A 355 -21.21 -31.99 -2.50
CA GLY A 355 -22.06 -31.06 -1.84
C GLY A 355 -21.30 -30.02 -1.06
N ILE A 356 -19.96 -29.97 -1.10
CA ILE A 356 -19.47 -28.85 -0.27
C ILE A 356 -19.49 -27.55 -1.07
N GLU A 357 -20.68 -26.90 -1.11
CA GLU A 357 -20.94 -25.67 -1.87
C GLU A 357 -20.19 -24.45 -1.31
N THR A 358 -19.25 -23.92 -2.11
CA THR A 358 -18.40 -22.77 -1.74
C THR A 358 -18.36 -21.69 -2.84
N THR A 359 -17.94 -20.46 -2.45
CA THR A 359 -17.75 -19.28 -3.31
C THR A 359 -16.56 -18.47 -2.78
N GLU A 360 -16.68 -17.11 -2.74
CA GLU A 360 -15.67 -16.16 -2.23
C GLU A 360 -14.25 -16.22 -2.88
N THR A 361 -14.14 -17.00 -3.97
CA THR A 361 -12.90 -17.15 -4.73
C THR A 361 -12.62 -15.84 -5.50
N GLY A 362 -11.65 -15.09 -4.97
CA GLY A 362 -11.21 -13.82 -5.52
C GLY A 362 -9.76 -13.92 -5.95
N GLU A 363 -9.52 -13.86 -7.27
CA GLU A 363 -8.21 -13.99 -7.90
C GLU A 363 -7.46 -12.66 -8.11
N VAL A 364 -6.10 -12.71 -8.11
CA VAL A 364 -5.27 -11.55 -8.40
C VAL A 364 -5.35 -11.33 -9.90
N LEU A 365 -6.01 -10.25 -10.27
CA LEU A 365 -6.17 -9.83 -11.65
C LEU A 365 -4.97 -8.99 -12.03
N ASP A 366 -4.44 -8.18 -11.05
CA ASP A 366 -3.30 -7.28 -11.23
C ASP A 366 -2.64 -6.91 -9.92
N THR A 367 -1.32 -6.65 -9.97
CA THR A 367 -0.50 -6.29 -8.81
C THR A 367 0.70 -5.43 -9.16
N ILE A 368 1.10 -4.62 -8.16
CA ILE A 368 2.26 -3.74 -8.15
C ILE A 368 2.71 -3.47 -6.68
N THR A 369 4.02 -3.28 -6.45
CA THR A 369 4.53 -2.99 -5.11
C THR A 369 4.79 -1.51 -4.95
N VAL A 370 4.89 -1.06 -3.69
CA VAL A 370 5.14 0.34 -3.34
C VAL A 370 6.41 0.86 -4.01
N GLN A 371 7.51 0.12 -3.90
CA GLN A 371 8.80 0.48 -4.46
C GLN A 371 8.74 0.69 -5.98
N ALA A 372 8.16 -0.30 -6.71
CA ALA A 372 7.98 -0.27 -8.17
C ALA A 372 7.12 0.92 -8.62
N LEU A 373 6.00 1.18 -7.90
CA LEU A 373 5.06 2.29 -8.13
C LEU A 373 5.79 3.62 -7.94
N ILE A 374 6.68 3.69 -6.95
CA ILE A 374 7.43 4.91 -6.69
C ILE A 374 8.50 5.20 -7.74
N ASN A 375 9.16 4.14 -8.28
CA ASN A 375 10.22 4.25 -9.29
C ASN A 375 9.72 4.62 -10.68
N ARG A 376 8.39 4.72 -10.85
CA ARG A 376 7.71 5.15 -12.08
C ARG A 376 7.81 6.70 -12.26
N TYR A 377 8.04 7.44 -11.15
CA TYR A 377 8.14 8.90 -11.14
C TYR A 377 9.48 9.38 -11.69
N ALA A 378 9.47 10.54 -12.41
CA ALA A 378 10.66 11.15 -13.00
C ALA A 378 11.51 11.73 -11.87
N THR A 379 10.88 12.42 -10.91
CA THR A 379 11.61 12.93 -9.76
C THR A 379 10.86 12.54 -8.51
N VAL A 380 11.55 11.83 -7.62
CA VAL A 380 11.03 11.40 -6.34
C VAL A 380 11.66 12.29 -5.29
N CYS A 381 10.86 12.69 -4.32
CA CYS A 381 11.24 13.60 -3.29
C CYS A 381 10.64 13.16 -1.94
N GLY A 382 11.08 13.77 -0.84
CA GLY A 382 10.56 13.35 0.44
C GLY A 382 11.03 14.08 1.67
N MSE A 383 10.45 13.67 2.82
CA MSE A 383 10.70 14.23 4.15
C MSE A 383 10.28 13.24 5.21
O MSE A 383 9.28 12.55 5.05
CB MSE A 383 9.90 15.52 4.35
CG MSE A 383 8.39 15.41 3.98
SE MSE A 383 7.41 17.06 4.18
CE MSE A 383 8.88 18.26 4.81
N THR A 384 11.06 13.19 6.31
CA THR A 384 10.80 12.32 7.47
C THR A 384 11.67 12.71 8.67
N GLY A 385 11.15 12.47 9.86
CA GLY A 385 11.84 12.75 11.13
C GLY A 385 13.12 11.95 11.28
N THR A 386 13.10 10.71 10.77
CA THR A 386 14.21 9.76 10.78
C THR A 386 14.52 9.33 9.33
N ALA A 387 15.53 9.93 8.72
CA ALA A 387 15.91 9.62 7.35
C ALA A 387 17.29 8.99 7.23
N LEU A 388 18.32 9.60 7.88
CA LEU A 388 19.73 9.15 7.83
C LEU A 388 19.89 7.64 7.90
N ALA A 389 19.27 7.01 8.93
CA ALA A 389 19.28 5.56 9.23
C ALA A 389 18.71 4.65 8.12
N ALA A 390 18.34 5.24 6.97
CA ALA A 390 17.80 4.54 5.81
C ALA A 390 18.59 5.00 4.57
N GLY A 391 19.38 6.05 4.73
CA GLY A 391 20.19 6.67 3.69
C GLY A 391 20.74 5.73 2.65
N GLU A 392 21.27 4.60 3.12
CA GLU A 392 21.85 3.55 2.28
C GLU A 392 20.76 2.97 1.37
N GLN A 393 19.66 2.41 1.95
CA GLN A 393 18.57 1.84 1.15
C GLN A 393 17.85 2.80 0.20
N LEU A 394 17.73 4.08 0.57
CA LEU A 394 17.13 5.11 -0.29
C LEU A 394 18.04 5.37 -1.48
N ARG A 395 19.35 5.50 -1.22
CA ARG A 395 20.34 5.64 -2.30
C ARG A 395 20.32 4.36 -3.18
N GLN A 396 20.45 3.18 -2.55
CA GLN A 396 20.50 1.87 -3.19
C GLN A 396 19.37 1.54 -4.17
N PHE A 397 18.13 1.94 -3.85
CA PHE A 397 16.94 1.57 -4.63
C PHE A 397 16.16 2.69 -5.27
N TYR A 398 16.32 3.91 -4.80
CA TYR A 398 15.56 5.03 -5.34
C TYR A 398 16.48 6.08 -5.93
N GLN A 399 17.80 5.90 -5.72
CA GLN A 399 18.87 6.82 -6.15
C GLN A 399 18.67 8.20 -5.52
N LEU A 400 18.34 8.20 -4.19
CA LEU A 400 18.03 9.41 -3.37
C LEU A 400 18.95 9.64 -2.21
N GLY A 401 19.38 10.88 -2.10
CA GLY A 401 20.23 11.33 -1.01
C GLY A 401 19.40 11.84 0.14
N VAL A 402 20.06 12.14 1.25
CA VAL A 402 19.40 12.64 2.45
C VAL A 402 20.07 13.93 2.86
N SER A 403 19.26 14.96 3.16
CA SER A 403 19.75 16.25 3.59
C SER A 403 19.16 16.54 4.97
N PRO A 404 19.90 16.31 6.09
CA PRO A 404 19.33 16.60 7.40
C PRO A 404 19.24 18.10 7.67
N ILE A 405 18.04 18.55 8.10
CA ILE A 405 17.69 19.93 8.43
C ILE A 405 17.80 20.11 9.95
N PRO A 406 18.52 21.16 10.44
CA PRO A 406 18.62 21.37 11.90
C PRO A 406 17.32 21.93 12.47
N PRO A 407 17.10 21.95 13.81
CA PRO A 407 15.86 22.54 14.32
C PRO A 407 15.94 24.05 14.37
N ASN A 408 14.77 24.69 14.57
CA ASN A 408 14.60 26.13 14.75
C ASN A 408 15.22 26.50 16.12
N LYS A 409 14.76 25.80 17.18
CA LYS A 409 15.19 25.92 18.56
C LYS A 409 15.80 24.56 18.98
N PRO A 410 16.95 24.52 19.69
CA PRO A 410 17.54 23.23 20.07
C PRO A 410 16.60 22.43 20.97
N ASN A 411 16.39 21.14 20.62
CA ASN A 411 15.52 20.21 21.32
C ASN A 411 16.19 19.77 22.62
N ILE A 412 15.53 20.01 23.76
CA ILE A 412 16.06 19.64 25.06
C ILE A 412 15.21 18.55 25.70
N ARG A 413 15.01 17.45 24.96
CA ARG A 413 14.23 16.30 25.42
C ARG A 413 15.17 15.35 26.14
N GLU A 414 14.74 14.83 27.31
CA GLU A 414 15.51 13.92 28.18
C GLU A 414 15.27 12.48 27.77
N ASP A 415 16.31 11.80 27.29
CA ASP A 415 16.18 10.39 26.94
C ASP A 415 16.92 9.50 27.94
N GLU A 416 16.16 8.59 28.59
CA GLU A 416 16.70 7.63 29.55
C GLU A 416 17.04 6.36 28.80
N ALA A 417 18.09 5.68 29.25
CA ALA A 417 18.50 4.40 28.68
C ALA A 417 17.44 3.35 29.03
N ASP A 418 17.28 2.34 28.15
CA ASP A 418 16.29 1.28 28.27
C ASP A 418 16.32 0.58 29.61
N ARG A 419 15.13 0.44 30.23
CA ARG A 419 14.94 -0.29 31.48
C ARG A 419 14.66 -1.77 31.11
N VAL A 420 15.62 -2.66 31.45
CA VAL A 420 15.60 -4.10 31.12
C VAL A 420 15.24 -4.97 32.34
N TYR A 421 14.41 -6.01 32.09
CA TYR A 421 13.83 -6.98 33.01
C TYR A 421 14.06 -8.41 32.50
N ILE A 422 14.00 -9.43 33.40
CA ILE A 422 14.23 -10.82 33.02
C ILE A 422 13.10 -11.42 32.19
N THR A 423 11.86 -11.44 32.74
CA THR A 423 10.68 -12.00 32.08
C THR A 423 9.93 -10.94 31.29
N THR A 424 8.97 -11.35 30.41
CA THR A 424 8.18 -10.34 29.69
C THR A 424 7.19 -9.74 30.67
N ALA A 425 6.63 -10.59 31.56
CA ALA A 425 5.69 -10.18 32.60
C ALA A 425 6.30 -9.20 33.59
N ALA A 426 7.63 -9.32 33.86
CA ALA A 426 8.37 -8.44 34.79
C ALA A 426 8.53 -7.03 34.23
N LYS A 427 8.61 -6.92 32.89
CA LYS A 427 8.71 -5.65 32.18
C LYS A 427 7.34 -4.98 32.28
N ASN A 428 6.27 -5.71 31.90
CA ASN A 428 4.88 -5.29 31.93
C ASN A 428 4.52 -4.79 33.32
N ASP A 429 5.06 -5.48 34.37
CA ASP A 429 4.92 -5.15 35.80
C ASP A 429 5.43 -3.72 36.06
N GLY A 430 6.69 -3.44 35.70
CA GLY A 430 7.35 -2.15 35.88
C GLY A 430 6.74 -1.05 35.07
N ILE A 431 6.19 -1.40 33.87
CA ILE A 431 5.53 -0.49 32.94
C ILE A 431 4.36 0.19 33.66
N VAL A 432 3.49 -0.62 34.30
CA VAL A 432 2.34 -0.12 35.09
C VAL A 432 2.77 0.86 36.24
N GLU A 433 3.73 0.43 37.08
CA GLU A 433 4.22 1.20 38.22
C GLU A 433 4.91 2.51 37.80
N HIS A 434 5.55 2.51 36.61
CA HIS A 434 6.22 3.72 36.11
C HIS A 434 5.17 4.73 35.72
N ILE A 435 4.21 4.30 34.84
CA ILE A 435 3.08 5.09 34.35
C ILE A 435 2.32 5.70 35.50
N THR A 436 1.91 4.90 36.49
CA THR A 436 1.21 5.41 37.65
C THR A 436 1.95 6.56 38.35
N GLU A 437 3.28 6.45 38.51
CA GLU A 437 4.14 7.47 39.15
C GLU A 437 4.23 8.73 38.28
N VAL A 438 4.28 8.52 36.95
CA VAL A 438 4.32 9.59 35.95
C VAL A 438 2.97 10.33 35.98
N HIS A 439 1.85 9.56 35.91
CA HIS A 439 0.47 10.07 35.95
C HIS A 439 0.08 10.83 37.24
N GLN A 440 0.34 10.24 38.42
CA GLN A 440 0.05 10.82 39.74
C GLN A 440 0.58 12.24 39.91
N ARG A 441 1.72 12.57 39.29
CA ARG A 441 2.32 13.92 39.33
C ARG A 441 1.52 14.91 38.47
N GLY A 442 0.79 14.37 37.49
CA GLY A 442 -0.03 15.12 36.55
C GLY A 442 0.40 14.96 35.10
N GLN A 443 1.72 14.96 34.86
CA GLN A 443 2.39 14.85 33.57
C GLN A 443 1.72 13.87 32.57
N PRO A 444 1.40 14.37 31.34
CA PRO A 444 0.78 13.50 30.35
C PRO A 444 1.75 12.42 29.90
N VAL A 445 1.19 11.29 29.49
CA VAL A 445 1.95 10.12 29.08
C VAL A 445 1.49 9.58 27.73
N LEU A 446 2.47 9.18 26.90
CA LEU A 446 2.21 8.52 25.64
C LEU A 446 2.92 7.18 25.66
N VAL A 447 2.22 6.09 25.33
CA VAL A 447 2.75 4.75 25.37
C VAL A 447 2.69 4.08 24.00
N GLY A 448 3.85 3.60 23.53
CA GLY A 448 4.03 2.92 22.25
C GLY A 448 4.00 1.42 22.43
N THR A 449 3.30 0.73 21.54
CA THR A 449 3.12 -0.73 21.62
C THR A 449 3.30 -1.41 20.26
N ARG A 450 3.51 -2.73 20.27
CA ARG A 450 3.72 -3.57 19.09
C ARG A 450 2.42 -3.95 18.40
N ASP A 451 1.34 -4.15 19.18
CA ASP A 451 0.04 -4.61 18.68
C ASP A 451 -1.16 -4.03 19.45
N VAL A 452 -2.39 -4.38 18.99
CA VAL A 452 -3.65 -3.99 19.59
C VAL A 452 -3.83 -4.75 20.89
N ALA A 453 -3.80 -6.11 20.86
CA ALA A 453 -3.96 -6.99 22.03
C ALA A 453 -2.92 -6.73 23.10
N GLU A 454 -1.72 -6.32 22.64
CA GLU A 454 -0.58 -5.92 23.45
C GLU A 454 -0.98 -4.66 24.26
N SER A 455 -1.47 -3.62 23.55
CA SER A 455 -1.94 -2.35 24.12
C SER A 455 -3.31 -2.50 24.80
N GLU A 456 -4.08 -3.55 24.44
CA GLU A 456 -5.38 -3.86 25.04
C GLU A 456 -5.13 -4.31 26.49
N GLU A 457 -4.21 -5.28 26.68
CA GLU A 457 -3.80 -5.80 27.98
C GLU A 457 -3.35 -4.72 28.95
N LEU A 458 -2.70 -3.65 28.43
CA LEU A 458 -2.24 -2.55 29.27
C LEU A 458 -3.39 -1.67 29.79
N HIS A 459 -4.43 -1.45 28.95
CA HIS A 459 -5.60 -0.65 29.32
C HIS A 459 -6.19 -1.18 30.62
N GLU A 460 -6.57 -2.48 30.63
CA GLU A 460 -7.13 -3.17 31.79
C GLU A 460 -6.23 -3.00 32.99
N ARG A 461 -4.92 -3.30 32.84
CA ARG A 461 -3.92 -3.22 33.90
C ARG A 461 -3.75 -1.81 34.50
N LEU A 462 -3.84 -0.76 33.66
CA LEU A 462 -3.73 0.64 34.11
C LEU A 462 -4.97 1.17 34.81
N VAL A 463 -6.16 0.94 34.21
CA VAL A 463 -7.45 1.41 34.74
C VAL A 463 -7.75 0.81 36.12
N ARG A 464 -7.42 -0.47 36.29
CA ARG A 464 -7.61 -1.18 37.53
C ARG A 464 -6.75 -0.57 38.63
N ARG A 465 -5.55 -0.05 38.26
CA ARG A 465 -4.61 0.53 39.22
C ARG A 465 -4.89 1.99 39.57
N GLY A 466 -5.85 2.59 38.86
CA GLY A 466 -6.24 3.98 39.09
C GLY A 466 -5.94 4.95 37.97
N VAL A 467 -5.24 4.49 36.92
CA VAL A 467 -4.84 5.32 35.78
C VAL A 467 -5.87 5.44 34.64
N PRO A 468 -6.42 6.66 34.44
CA PRO A 468 -7.40 6.87 33.36
C PRO A 468 -6.73 6.92 31.98
N ALA A 469 -6.80 5.81 31.23
CA ALA A 469 -6.16 5.67 29.91
C ALA A 469 -7.12 5.86 28.73
N VAL A 470 -6.58 5.79 27.49
CA VAL A 470 -7.26 5.95 26.19
C VAL A 470 -6.47 5.11 25.19
N VAL A 471 -7.10 4.18 24.46
CA VAL A 471 -6.42 3.33 23.46
C VAL A 471 -6.63 3.96 22.07
N LEU A 472 -5.74 3.67 21.10
CA LEU A 472 -5.86 4.20 19.73
C LEU A 472 -5.88 3.06 18.70
N ASN A 473 -7.00 2.33 18.63
CA ASN A 473 -7.15 1.22 17.68
C ASN A 473 -7.33 1.76 16.26
N ALA A 474 -6.47 1.31 15.30
CA ALA A 474 -6.49 1.77 13.90
C ALA A 474 -7.78 1.38 13.10
N LYS A 475 -8.82 2.22 13.29
CA LYS A 475 -10.16 2.08 12.68
C LYS A 475 -10.68 3.44 12.21
N ASN A 476 -10.41 4.51 13.02
CA ASN A 476 -10.83 5.89 12.74
C ASN A 476 -9.68 6.89 12.85
N ASP A 477 -8.96 7.11 11.73
CA ASP A 477 -7.83 8.03 11.64
C ASP A 477 -8.17 9.47 12.03
N ALA A 478 -9.36 9.95 11.60
CA ALA A 478 -9.89 11.28 11.93
C ALA A 478 -10.09 11.43 13.43
N GLU A 479 -10.66 10.38 14.12
CA GLU A 479 -10.91 10.38 15.57
C GLU A 479 -9.60 10.27 16.33
N GLU A 480 -8.77 9.25 15.95
CA GLU A 480 -7.42 9.02 16.47
C GLU A 480 -6.73 10.39 16.61
N ALA A 481 -6.80 11.18 15.53
CA ALA A 481 -6.25 12.52 15.41
C ALA A 481 -6.84 13.51 16.43
N ARG A 482 -8.18 13.47 16.64
CA ARG A 482 -8.87 14.37 17.58
C ARG A 482 -8.54 13.97 19.01
N VAL A 483 -8.24 12.65 19.22
CA VAL A 483 -7.83 12.12 20.52
C VAL A 483 -6.42 12.64 20.77
N ILE A 484 -5.42 12.14 20.01
CA ILE A 484 -4.00 12.51 20.10
C ILE A 484 -3.65 14.04 20.21
N ALA A 485 -4.56 14.93 19.79
CA ALA A 485 -4.31 16.37 19.89
C ALA A 485 -4.47 16.81 21.36
N GLU A 486 -5.20 15.99 22.14
CA GLU A 486 -5.50 16.20 23.56
C GLU A 486 -4.62 15.28 24.41
N ALA A 487 -3.60 14.65 23.79
CA ALA A 487 -2.69 13.72 24.45
C ALA A 487 -1.64 14.38 25.36
N GLY A 488 -1.44 15.68 25.20
CA GLY A 488 -0.51 16.46 26.00
C GLY A 488 -1.20 17.27 27.09
N LYS A 489 -2.37 16.76 27.58
CA LYS A 489 -3.22 17.36 28.62
C LYS A 489 -2.90 16.86 30.05
N TYR A 490 -3.23 17.67 31.09
CA TYR A 490 -3.01 17.31 32.49
C TYR A 490 -3.73 15.99 32.84
N GLY A 491 -2.95 15.02 33.32
CA GLY A 491 -3.45 13.71 33.70
C GLY A 491 -3.84 12.84 32.51
N ALA A 492 -3.51 13.30 31.28
CA ALA A 492 -3.79 12.55 30.05
C ALA A 492 -2.88 11.33 29.99
N VAL A 493 -3.42 10.22 29.50
CA VAL A 493 -2.69 8.95 29.39
C VAL A 493 -3.15 8.34 28.09
N THR A 494 -2.32 8.45 27.06
CA THR A 494 -2.66 7.93 25.73
C THR A 494 -1.89 6.67 25.39
N VAL A 495 -2.61 5.60 25.07
CA VAL A 495 -2.06 4.31 24.68
C VAL A 495 -2.15 4.23 23.14
N SER A 496 -1.04 3.86 22.49
CA SER A 496 -0.95 3.76 21.02
C SER A 496 -0.06 2.63 20.56
N THR A 497 -0.32 2.12 19.36
CA THR A 497 0.50 1.07 18.75
C THR A 497 1.69 1.76 18.03
N GLN A 498 2.46 0.98 17.25
CA GLN A 498 3.62 1.48 16.51
C GLN A 498 3.20 2.55 15.46
N MSE A 499 2.26 2.20 14.55
CA MSE A 499 1.77 3.10 13.52
C MSE A 499 0.32 3.51 13.82
O MSE A 499 -0.64 2.92 13.31
CB MSE A 499 1.92 2.49 12.12
N ALA A 500 0.17 4.50 14.70
CA ALA A 500 -1.09 5.08 15.16
C ALA A 500 -0.82 6.53 15.51
N GLY A 501 -1.83 7.38 15.35
CA GLY A 501 -1.76 8.81 15.65
C GLY A 501 -0.77 9.62 14.83
N ARG A 502 -0.14 8.98 13.80
CA ARG A 502 0.87 9.58 12.90
C ARG A 502 0.38 10.84 12.18
N GLY A 503 1.27 11.82 12.06
CA GLY A 503 0.99 13.06 11.34
C GLY A 503 0.31 14.18 12.11
N THR A 504 -0.17 13.90 13.34
CA THR A 504 -0.85 14.87 14.19
C THR A 504 -0.01 15.22 15.41
N ASP A 505 0.32 16.52 15.54
CA ASP A 505 1.15 17.08 16.60
C ASP A 505 0.48 17.04 17.95
N ILE A 506 1.19 16.49 18.96
CA ILE A 506 0.71 16.47 20.34
C ILE A 506 1.24 17.75 20.99
N ARG A 507 0.34 18.74 21.24
CA ARG A 507 0.68 20.01 21.89
C ARG A 507 0.37 19.93 23.41
N LEU A 508 0.96 20.83 24.18
CA LEU A 508 0.73 20.85 25.62
C LEU A 508 -0.59 21.55 25.94
N GLY A 509 -1.44 20.88 26.72
CA GLY A 509 -2.73 21.43 27.10
C GLY A 509 -3.77 21.30 25.99
N GLY A 510 -3.73 20.17 25.29
CA GLY A 510 -4.67 19.90 24.21
C GLY A 510 -4.48 20.79 23.00
N SER A 511 -5.40 20.67 22.04
CA SER A 511 -5.35 21.46 20.82
C SER A 511 -5.14 22.94 21.12
N ASP A 512 -3.92 23.30 21.47
CA ASP A 512 -3.58 24.69 21.80
C ASP A 512 -4.37 25.14 23.02
N GLU A 513 -3.70 25.22 24.18
CA GLU A 513 -4.31 25.70 25.43
C GLU A 513 -3.35 26.44 26.36
N ALA A 514 -3.90 27.17 27.36
CA ALA A 514 -3.18 27.94 28.38
C ALA A 514 -2.67 27.01 29.51
N ASP A 515 -2.88 25.70 29.30
CA ASP A 515 -2.44 24.61 30.15
C ASP A 515 -0.95 24.40 29.91
N HIS A 516 -0.40 24.99 28.82
CA HIS A 516 0.99 24.90 28.42
C HIS A 516 1.93 25.16 29.57
N ASP A 517 1.83 26.35 30.17
CA ASP A 517 2.66 26.80 31.30
C ASP A 517 2.74 25.78 32.47
N ARG A 518 1.62 25.08 32.74
CA ARG A 518 1.51 24.05 33.78
C ARG A 518 2.20 22.77 33.33
N VAL A 519 1.84 22.28 32.14
CA VAL A 519 2.35 21.04 31.53
C VAL A 519 3.85 21.13 31.19
N ALA A 520 4.38 22.36 31.00
CA ALA A 520 5.78 22.61 30.74
C ALA A 520 6.59 22.50 32.05
N GLU A 521 5.97 22.95 33.18
CA GLU A 521 6.54 22.89 34.54
C GLU A 521 6.73 21.44 34.96
N LEU A 522 5.79 20.55 34.55
CA LEU A 522 5.79 19.10 34.83
C LEU A 522 6.85 18.31 34.04
N GLY A 523 7.37 18.91 32.96
CA GLY A 523 8.41 18.34 32.11
C GLY A 523 7.98 17.95 30.71
N GLY A 524 6.84 18.48 30.27
CA GLY A 524 6.28 18.20 28.97
C GLY A 524 5.71 16.81 28.86
N LEU A 525 5.67 16.26 27.62
CA LEU A 525 5.15 14.92 27.37
C LEU A 525 6.15 13.84 27.75
N HIS A 526 5.63 12.75 28.30
CA HIS A 526 6.46 11.64 28.64
C HIS A 526 6.15 10.47 27.73
N VAL A 527 7.08 10.17 26.82
CA VAL A 527 6.93 9.02 25.91
C VAL A 527 7.45 7.81 26.70
N VAL A 528 6.83 6.65 26.49
CA VAL A 528 7.13 5.35 27.10
C VAL A 528 7.07 4.32 25.98
N GLY A 529 8.20 3.68 25.72
CA GLY A 529 8.29 2.61 24.76
C GLY A 529 8.19 1.34 25.56
N THR A 530 7.39 0.38 25.11
CA THR A 530 7.22 -0.84 25.89
C THR A 530 8.02 -1.97 25.31
N GLY A 531 9.02 -1.58 24.52
CA GLY A 531 9.91 -2.46 23.79
C GLY A 531 10.41 -1.81 22.52
N ARG A 532 11.66 -2.13 22.15
CA ARG A 532 12.32 -1.63 20.94
C ARG A 532 11.79 -2.35 19.72
N HIS A 533 11.72 -1.62 18.58
CA HIS A 533 11.21 -2.11 17.31
C HIS A 533 12.29 -2.79 16.50
N HIS A 534 11.88 -3.38 15.36
CA HIS A 534 12.77 -4.04 14.42
C HIS A 534 13.87 -3.08 13.94
N THR A 535 13.56 -1.76 13.89
CA THR A 535 14.50 -0.70 13.53
C THR A 535 14.35 0.51 14.42
N GLU A 536 15.50 1.05 14.83
CA GLU A 536 15.70 2.21 15.69
C GLU A 536 14.93 3.44 15.23
N ARG A 537 14.70 3.60 13.88
CA ARG A 537 13.95 4.71 13.24
C ARG A 537 12.61 4.81 13.91
N LEU A 538 11.94 3.65 14.10
CA LEU A 538 10.66 3.57 14.79
C LEU A 538 10.69 3.92 16.28
N ASP A 539 11.85 3.66 16.96
CA ASP A 539 12.05 4.00 18.37
C ASP A 539 12.08 5.50 18.47
N ASN A 540 12.89 6.13 17.59
CA ASN A 540 13.08 7.59 17.54
C ASN A 540 11.88 8.35 16.99
N GLN A 541 10.99 7.65 16.27
CA GLN A 541 9.73 8.22 15.78
C GLN A 541 8.90 8.55 17.05
N LEU A 542 8.67 7.54 17.89
CA LEU A 542 7.98 7.64 19.17
C LEU A 542 8.61 8.73 20.07
N ARG A 543 9.96 8.67 20.24
CA ARG A 543 10.71 9.62 21.07
C ARG A 543 10.45 11.02 20.56
N GLY A 544 10.45 11.17 19.24
CA GLY A 544 10.24 12.41 18.51
C GLY A 544 9.02 13.22 18.89
N ARG A 545 7.94 12.56 19.32
CA ARG A 545 6.66 13.17 19.70
C ARG A 545 6.69 14.00 20.97
N ALA A 546 7.84 14.16 21.63
CA ALA A 546 7.87 14.78 22.96
C ALA A 546 8.54 16.12 23.17
N GLY A 547 9.56 16.42 22.38
CA GLY A 547 10.30 17.66 22.56
C GLY A 547 10.16 18.60 21.41
N ARG A 548 8.91 18.77 20.92
CA ARG A 548 8.60 19.63 19.79
C ARG A 548 8.74 21.09 20.19
N GLN A 549 9.33 21.91 19.29
CA GLN A 549 9.59 23.34 19.45
C GLN A 549 10.30 23.74 20.74
N GLY A 550 11.47 23.12 21.00
CA GLY A 550 12.33 23.38 22.16
C GLY A 550 11.70 23.32 23.54
N ASP A 551 10.45 22.83 23.61
CA ASP A 551 9.70 22.67 24.85
C ASP A 551 10.24 21.43 25.56
N PRO A 552 10.15 21.37 26.93
CA PRO A 552 10.63 20.16 27.64
C PRO A 552 9.87 18.90 27.25
N GLY A 553 10.52 17.76 27.43
CA GLY A 553 9.98 16.46 27.10
C GLY A 553 10.81 15.38 27.73
N SER A 554 10.28 14.16 27.79
CA SER A 554 10.97 13.02 28.41
C SER A 554 10.64 11.76 27.63
N SER A 555 11.50 10.74 27.71
CA SER A 555 11.31 9.46 27.01
C SER A 555 12.06 8.35 27.67
N VAL A 556 11.42 7.16 27.74
CA VAL A 556 11.98 5.93 28.31
C VAL A 556 11.53 4.76 27.42
N PHE A 557 12.33 3.69 27.38
CA PHE A 557 12.03 2.46 26.67
C PHE A 557 12.12 1.28 27.65
N PHE A 558 11.29 0.27 27.47
CA PHE A 558 11.27 -0.88 28.34
C PHE A 558 11.55 -2.14 27.53
N SER A 559 12.67 -2.77 27.79
CA SER A 559 13.04 -4.00 27.09
C SER A 559 13.19 -5.16 28.12
N SER A 560 13.30 -6.39 27.62
CA SER A 560 13.45 -7.59 28.45
C SER A 560 14.23 -8.67 27.69
N TRP A 561 14.95 -9.56 28.41
CA TRP A 561 15.64 -10.64 27.72
C TRP A 561 14.63 -11.64 27.13
N GLU A 562 13.33 -11.44 27.39
CA GLU A 562 12.26 -12.28 26.87
C GLU A 562 11.64 -11.73 25.59
N ASP A 563 11.83 -10.41 25.31
CA ASP A 563 11.34 -9.72 24.11
C ASP A 563 11.80 -10.42 22.82
N ASP A 564 10.89 -10.53 21.82
CA ASP A 564 11.11 -11.19 20.52
C ASP A 564 12.40 -10.75 19.78
N VAL A 565 12.74 -9.44 19.88
CA VAL A 565 13.90 -8.75 19.31
C VAL A 565 15.21 -9.40 19.77
N VAL A 566 15.41 -9.46 21.11
CA VAL A 566 16.57 -10.04 21.80
C VAL A 566 16.63 -11.52 21.45
N ALA A 567 15.51 -12.24 21.69
CA ALA A 567 15.30 -13.67 21.45
C ALA A 567 15.80 -14.12 20.07
N ALA A 568 16.68 -15.17 20.06
CA ALA A 568 17.36 -15.78 18.89
C ALA A 568 18.38 -14.86 18.19
N ASN A 569 18.10 -13.54 18.11
CA ASN A 569 19.00 -12.53 17.52
C ASN A 569 20.14 -12.15 18.48
N LEU A 570 20.27 -12.89 19.61
CA LEU A 570 21.29 -12.78 20.66
C LEU A 570 21.46 -14.10 21.42
N ASP A 571 22.64 -14.29 22.05
CA ASP A 571 22.90 -15.46 22.88
C ASP A 571 22.49 -15.19 24.34
N HIS A 572 21.51 -15.99 24.81
CA HIS A 572 20.91 -16.04 26.15
C HIS A 572 21.97 -16.09 27.30
N ASN A 573 23.00 -16.92 27.11
CA ASN A 573 24.11 -17.10 28.06
C ASN A 573 24.97 -15.84 28.24
N LYS A 574 25.01 -14.98 27.22
CA LYS A 574 25.84 -13.77 27.26
C LYS A 574 25.20 -12.56 27.98
N LEU A 575 23.95 -12.70 28.47
CA LEU A 575 23.21 -11.61 29.10
C LEU A 575 23.34 -11.55 30.63
N PRO A 576 23.29 -10.35 31.27
CA PRO A 576 23.30 -10.30 32.75
C PRO A 576 22.06 -10.95 33.30
N MSE A 577 22.17 -11.72 34.39
CA MSE A 577 21.03 -12.40 35.01
C MSE A 577 20.62 -11.74 36.33
O MSE A 577 19.47 -11.89 36.74
CB MSE A 577 21.35 -13.89 35.24
CG MSE A 577 21.55 -14.69 33.94
SE MSE A 577 20.35 -14.07 32.53
CE MSE A 577 20.28 -15.72 31.38
N ALA A 578 21.57 -11.06 36.98
CA ALA A 578 21.42 -10.36 38.26
C ALA A 578 20.17 -9.52 38.27
N THR A 579 19.24 -9.90 39.13
CA THR A 579 17.90 -9.32 39.29
C THR A 579 17.72 -8.37 40.45
N ASP A 580 16.61 -7.67 40.43
CA ASP A 580 16.15 -6.73 41.43
C ASP A 580 15.04 -7.47 42.13
N GLU A 581 14.63 -6.92 43.30
CA GLU A 581 13.47 -7.31 44.11
C GLU A 581 12.21 -7.21 43.22
N ASN A 582 12.28 -6.31 42.21
CA ASN A 582 11.24 -6.06 41.21
C ASN A 582 11.58 -6.42 39.76
N GLY A 583 12.68 -7.14 39.56
CA GLY A 583 13.07 -7.68 38.25
C GLY A 583 14.05 -6.95 37.36
N ARG A 584 14.36 -5.67 37.63
CA ARG A 584 15.29 -4.90 36.79
C ARG A 584 16.74 -5.39 36.86
N ILE A 585 17.33 -5.69 35.68
CA ILE A 585 18.73 -6.08 35.52
C ILE A 585 19.61 -5.03 36.27
N VAL A 586 20.55 -5.51 37.08
CA VAL A 586 21.39 -4.66 37.93
C VAL A 586 22.44 -3.97 37.08
N SER A 587 23.04 -4.71 36.14
CA SER A 587 24.11 -4.25 35.25
C SER A 587 23.64 -3.15 34.34
N PRO A 588 24.18 -1.92 34.47
CA PRO A 588 23.80 -0.84 33.53
C PRO A 588 24.28 -1.08 32.08
N ARG A 589 25.16 -2.07 31.87
CA ARG A 589 25.73 -2.46 30.58
C ARG A 589 24.65 -3.14 29.71
N THR A 590 23.56 -2.41 29.40
CA THR A 590 22.46 -2.96 28.61
C THR A 590 22.16 -2.33 27.26
N GLY A 591 22.33 -1.01 27.14
CA GLY A 591 22.10 -0.26 25.91
C GLY A 591 22.75 -0.91 24.69
N SER A 592 24.08 -1.10 24.76
CA SER A 592 24.94 -1.69 23.72
C SER A 592 24.59 -3.14 23.33
N LEU A 593 24.01 -3.92 24.25
CA LEU A 593 23.66 -5.30 23.93
C LEU A 593 22.33 -5.32 23.21
N LEU A 594 21.45 -4.36 23.54
CA LEU A 594 20.13 -4.18 22.92
C LEU A 594 20.32 -3.56 21.54
N ASP A 595 21.12 -2.47 21.46
CA ASP A 595 21.46 -1.75 20.23
C ASP A 595 21.97 -2.71 19.19
N HIS A 596 22.96 -3.56 19.56
CA HIS A 596 23.53 -4.58 18.69
C HIS A 596 22.45 -5.51 18.19
N ALA A 597 21.63 -6.08 19.10
CA ALA A 597 20.52 -6.99 18.78
C ALA A 597 19.65 -6.50 17.63
N GLN A 598 19.37 -5.16 17.61
CA GLN A 598 18.58 -4.43 16.60
C GLN A 598 19.34 -4.38 15.27
N ARG A 599 20.60 -3.86 15.31
CA ARG A 599 21.54 -3.74 14.17
C ARG A 599 21.67 -5.05 13.43
N VAL A 600 21.47 -6.16 14.16
CA VAL A 600 21.48 -7.49 13.60
C VAL A 600 20.16 -7.65 12.86
N ALA A 601 19.00 -7.51 13.56
CA ALA A 601 17.63 -7.66 13.03
C ALA A 601 17.34 -6.81 11.78
N GLU A 602 17.90 -5.58 11.75
CA GLU A 602 17.81 -4.64 10.65
C GLU A 602 18.52 -5.25 9.41
N GLY A 603 19.77 -5.71 9.61
CA GLY A 603 20.59 -6.35 8.57
C GLY A 603 19.96 -7.61 8.03
N ARG A 604 19.13 -8.26 8.85
CA ARG A 604 18.40 -9.48 8.50
C ARG A 604 17.23 -9.12 7.58
N LEU A 605 16.49 -8.06 7.91
CA LEU A 605 15.34 -7.61 7.14
C LEU A 605 15.78 -7.02 5.80
N LEU A 606 16.94 -6.32 5.80
CA LEU A 606 17.52 -5.71 4.59
C LEU A 606 17.90 -6.82 3.60
N ASP A 607 18.44 -7.95 4.12
CA ASP A 607 18.82 -9.15 3.36
C ASP A 607 17.59 -9.81 2.71
N VAL A 608 16.40 -9.68 3.35
CA VAL A 608 15.12 -10.19 2.84
C VAL A 608 14.70 -9.25 1.69
N HIS A 609 14.60 -7.92 2.00
CA HIS A 609 14.25 -6.84 1.07
C HIS A 609 15.05 -6.93 -0.23
N ALA A 610 16.39 -7.11 -0.14
CA ALA A 610 17.28 -7.23 -1.29
C ALA A 610 16.97 -8.48 -2.12
N ASN A 611 16.80 -9.65 -1.46
CA ASN A 611 16.49 -10.91 -2.10
C ASN A 611 15.08 -10.97 -2.74
N THR A 612 14.11 -10.19 -2.19
CA THR A 612 12.71 -10.11 -2.65
C THR A 612 12.49 -9.07 -3.76
N TRP A 613 13.14 -7.89 -3.69
CA TRP A 613 13.02 -6.83 -4.71
C TRP A 613 13.46 -7.39 -6.04
N ARG A 614 14.61 -8.14 -6.04
CA ARG A 614 15.17 -8.82 -7.22
C ARG A 614 14.06 -9.58 -7.97
N TYR A 615 13.09 -10.16 -7.23
CA TYR A 615 11.94 -10.87 -7.78
C TYR A 615 10.88 -9.87 -8.29
N ASN A 616 10.51 -8.88 -7.43
CA ASN A 616 9.51 -7.85 -7.68
C ASN A 616 9.79 -6.94 -8.86
N GLN A 617 11.10 -6.74 -9.19
CA GLN A 617 11.65 -5.93 -10.29
C GLN A 617 11.31 -6.56 -11.64
N LEU A 618 11.53 -7.88 -11.79
CA LEU A 618 11.24 -8.60 -13.03
C LEU A 618 9.75 -8.58 -13.33
N ILE A 619 8.92 -8.80 -12.30
CA ILE A 619 7.45 -8.79 -12.39
C ILE A 619 7.01 -7.43 -12.92
N ALA A 620 7.57 -6.33 -12.35
CA ALA A 620 7.31 -4.94 -12.71
C ALA A 620 7.68 -4.69 -14.18
N GLN A 621 8.89 -5.18 -14.60
CA GLN A 621 9.41 -5.07 -15.95
C GLN A 621 8.46 -5.68 -16.97
N GLN A 622 7.79 -6.78 -16.58
CA GLN A 622 6.80 -7.47 -17.39
C GLN A 622 5.50 -6.68 -17.47
N ARG A 623 5.05 -6.08 -16.34
CA ARG A 623 3.82 -5.27 -16.26
C ARG A 623 3.98 -4.10 -17.22
N ALA A 624 5.21 -3.56 -17.30
CA ALA A 624 5.59 -2.46 -18.18
C ALA A 624 5.24 -2.83 -19.62
N ILE A 625 5.55 -4.07 -20.04
CA ILE A 625 5.28 -4.61 -21.39
C ILE A 625 3.76 -4.79 -21.64
N ILE A 626 3.04 -5.23 -20.60
CA ILE A 626 1.59 -5.43 -20.64
C ILE A 626 0.81 -4.10 -20.66
N VAL A 627 1.22 -3.10 -19.85
CA VAL A 627 0.53 -1.79 -19.82
C VAL A 627 0.79 -1.00 -21.11
N GLU A 628 1.99 -1.20 -21.72
CA GLU A 628 2.40 -0.60 -22.98
C GLU A 628 1.39 -0.98 -24.07
N ARG A 629 1.21 -2.31 -24.30
CA ARG A 629 0.27 -2.87 -25.28
C ARG A 629 -1.19 -2.72 -24.86
N ARG A 630 -1.44 -2.41 -23.58
CA ARG A 630 -2.81 -2.19 -23.08
C ARG A 630 -3.24 -0.80 -23.57
N ASN A 631 -2.29 0.19 -23.58
CA ASN A 631 -2.50 1.56 -24.03
C ASN A 631 -2.72 1.60 -25.54
N THR A 632 -1.80 1.00 -26.34
CA THR A 632 -1.96 0.97 -27.80
C THR A 632 -3.26 0.34 -28.20
N LEU A 633 -3.77 -0.61 -27.39
CA LEU A 633 -5.05 -1.27 -27.65
C LEU A 633 -6.25 -0.36 -27.33
N LEU A 634 -6.02 0.74 -26.58
CA LEU A 634 -7.03 1.77 -26.29
C LEU A 634 -6.86 2.99 -27.23
N ARG A 635 -6.41 2.71 -28.47
CA ARG A 635 -6.17 3.60 -29.62
C ARG A 635 -6.18 2.71 -30.91
N THR A 636 -7.40 2.38 -31.37
CA THR A 636 -7.79 1.56 -32.53
C THR A 636 -6.71 0.85 -33.43
N VAL A 637 -5.86 0.00 -32.81
CA VAL A 637 -4.85 -0.86 -33.48
C VAL A 637 -5.52 -2.25 -33.61
N THR A 638 -6.38 -2.55 -32.63
CA THR A 638 -7.17 -3.76 -32.39
C THR A 638 -7.95 -4.27 -33.60
N ALA A 639 -8.67 -3.38 -34.30
CA ALA A 639 -9.48 -3.72 -35.46
C ALA A 639 -8.61 -4.12 -36.67
N ARG A 640 -7.48 -3.41 -36.88
CA ARG A 640 -6.52 -3.67 -37.96
C ARG A 640 -5.70 -4.94 -37.70
N GLU A 641 -5.65 -5.38 -36.42
CA GLU A 641 -4.96 -6.60 -36.00
C GLU A 641 -5.71 -7.85 -36.51
N GLU A 642 -7.07 -7.84 -36.40
CA GLU A 642 -7.94 -8.93 -36.88
C GLU A 642 -8.11 -8.92 -38.42
N LEU A 643 -8.35 -7.71 -38.99
CA LEU A 643 -8.54 -7.44 -40.42
C LEU A 643 -7.32 -7.82 -41.28
N ALA A 644 -6.15 -8.06 -40.64
CA ALA A 644 -4.90 -8.47 -41.29
C ALA A 644 -4.38 -9.82 -40.72
N GLU A 645 -5.22 -10.51 -39.89
CA GLU A 645 -4.95 -11.84 -39.33
C GLU A 645 -5.90 -12.82 -40.02
N LEU A 646 -5.54 -13.21 -41.27
CA LEU A 646 -6.29 -14.05 -42.23
C LEU A 646 -7.55 -13.30 -42.70
N ALA A 647 -8.40 -12.86 -41.74
CA ALA A 647 -9.64 -12.11 -41.90
C ALA A 647 -10.76 -12.74 -42.78
N PRO A 648 -11.11 -14.05 -42.62
CA PRO A 648 -12.20 -14.60 -43.44
C PRO A 648 -13.59 -14.19 -42.92
N LYS A 649 -13.70 -13.94 -41.59
CA LYS A 649 -14.93 -13.54 -40.90
C LYS A 649 -15.06 -12.03 -40.72
N ARG A 650 -13.91 -11.31 -40.67
CA ARG A 650 -13.88 -9.84 -40.52
C ARG A 650 -14.48 -9.18 -41.74
N TYR A 651 -14.18 -9.73 -42.95
CA TYR A 651 -14.69 -9.28 -44.26
C TYR A 651 -16.21 -9.55 -44.39
N GLU A 652 -16.74 -10.45 -43.53
CA GLU A 652 -18.15 -10.86 -43.42
C GLU A 652 -18.81 -10.10 -42.25
N GLU A 653 -17.98 -9.45 -41.42
CA GLU A 653 -18.40 -8.62 -40.30
C GLU A 653 -18.20 -7.15 -40.69
N LEU A 654 -18.19 -6.89 -42.03
CA LEU A 654 -18.03 -5.58 -42.67
C LEU A 654 -19.08 -5.39 -43.76
N SER A 655 -19.53 -6.50 -44.37
CA SER A 655 -20.57 -6.52 -45.39
C SER A 655 -21.93 -6.78 -44.72
N ASP A 656 -21.94 -7.67 -43.71
CA ASP A 656 -23.13 -8.01 -42.91
C ASP A 656 -23.06 -7.37 -41.52
N LYS A 657 -22.18 -6.36 -41.36
CA LYS A 657 -21.92 -5.62 -40.13
C LYS A 657 -23.11 -4.86 -39.55
N VAL A 658 -23.00 -4.50 -38.25
CA VAL A 658 -23.96 -3.67 -37.53
C VAL A 658 -23.42 -2.20 -37.59
N SER A 659 -22.06 -2.04 -37.56
CA SER A 659 -21.29 -0.80 -37.63
C SER A 659 -19.77 -1.08 -37.58
N GLU A 660 -18.99 -0.45 -38.47
CA GLU A 660 -17.53 -0.54 -38.51
C GLU A 660 -16.95 0.28 -37.35
N GLU A 661 -17.72 1.30 -36.88
CA GLU A 661 -17.38 2.13 -35.73
C GLU A 661 -17.53 1.26 -34.48
N ARG A 662 -18.64 0.46 -34.41
CA ARG A 662 -18.89 -0.49 -33.31
C ARG A 662 -17.94 -1.70 -33.45
N LEU A 663 -17.37 -1.94 -34.66
CA LEU A 663 -16.43 -3.03 -34.92
C LEU A 663 -15.13 -2.84 -34.14
N GLU A 664 -14.68 -1.57 -34.02
CA GLU A 664 -13.48 -1.19 -33.25
C GLU A 664 -13.71 -1.47 -31.77
N THR A 665 -14.93 -1.19 -31.29
CA THR A 665 -15.37 -1.45 -29.93
C THR A 665 -15.57 -2.96 -29.70
N ILE A 666 -15.93 -3.71 -30.77
CA ILE A 666 -16.12 -5.16 -30.74
C ILE A 666 -14.77 -5.85 -30.67
N CYS A 667 -13.87 -5.57 -31.65
CA CYS A 667 -12.52 -6.14 -31.75
C CYS A 667 -11.71 -5.94 -30.46
N ARG A 668 -11.82 -4.75 -29.80
CA ARG A 668 -11.08 -4.52 -28.55
C ARG A 668 -11.61 -5.27 -27.34
N GLN A 669 -12.90 -5.66 -27.34
CA GLN A 669 -13.46 -6.44 -26.26
C GLN A 669 -12.69 -7.77 -26.20
N ILE A 670 -12.60 -8.47 -27.36
CA ILE A 670 -11.90 -9.75 -27.53
C ILE A 670 -10.38 -9.64 -27.34
N MSE A 671 -9.79 -8.53 -27.80
CA MSE A 671 -8.36 -8.33 -27.70
C MSE A 671 -7.88 -8.12 -26.27
O MSE A 671 -7.05 -8.90 -25.79
CB MSE A 671 -7.89 -7.22 -28.65
CG MSE A 671 -7.85 -7.66 -30.09
SE MSE A 671 -6.08 -8.17 -30.76
CE MSE A 671 -5.45 -9.42 -29.32
N LEU A 672 -8.45 -7.09 -25.59
CA LEU A 672 -8.15 -6.75 -24.20
C LEU A 672 -8.43 -7.93 -23.28
N TYR A 673 -9.68 -8.48 -23.29
CA TYR A 673 -10.08 -9.64 -22.48
C TYR A 673 -8.96 -10.65 -22.33
N HIS A 674 -8.49 -11.20 -23.45
CA HIS A 674 -7.41 -12.18 -23.48
C HIS A 674 -6.07 -11.72 -22.91
N LEU A 675 -5.74 -10.43 -23.05
CA LEU A 675 -4.50 -9.87 -22.51
C LEU A 675 -4.59 -9.80 -20.97
N ASP A 676 -5.73 -9.27 -20.48
CA ASP A 676 -6.02 -9.17 -19.05
C ASP A 676 -6.10 -10.57 -18.40
N ARG A 677 -6.73 -11.53 -19.10
CA ARG A 677 -6.88 -12.91 -18.64
C ARG A 677 -5.57 -13.71 -18.73
N GLY A 678 -4.71 -13.36 -19.70
CA GLY A 678 -3.41 -13.99 -19.89
C GLY A 678 -2.43 -13.63 -18.80
N TRP A 679 -2.34 -12.32 -18.47
CA TRP A 679 -1.45 -11.81 -17.43
C TRP A 679 -1.91 -12.13 -16.01
N ALA A 680 -3.25 -12.14 -15.76
CA ALA A 680 -3.81 -12.51 -14.45
C ALA A 680 -3.43 -13.96 -14.07
N ASP A 681 -3.30 -14.85 -15.09
CA ASP A 681 -2.90 -16.26 -15.02
C ASP A 681 -1.39 -16.38 -14.78
N HIS A 682 -0.61 -15.41 -15.29
CA HIS A 682 0.85 -15.40 -15.17
C HIS A 682 1.28 -15.09 -13.73
N LEU A 683 0.51 -14.25 -13.07
CA LEU A 683 0.74 -13.84 -11.69
C LEU A 683 0.39 -14.99 -10.75
N ALA A 684 -0.66 -15.77 -11.12
CA ALA A 684 -1.13 -16.98 -10.45
C ALA A 684 0.00 -18.03 -10.48
N TYR A 685 0.79 -18.06 -11.59
CA TYR A 685 1.96 -18.93 -11.76
C TYR A 685 3.07 -18.40 -10.86
N LEU A 686 3.50 -17.16 -11.10
CA LEU A 686 4.57 -16.46 -10.38
C LEU A 686 4.43 -16.58 -8.85
N ALA A 687 3.20 -16.47 -8.32
CA ALA A 687 2.94 -16.60 -6.88
C ALA A 687 3.06 -18.07 -6.39
N ASP A 688 2.53 -19.05 -7.15
CA ASP A 688 2.62 -20.46 -6.80
C ASP A 688 4.08 -20.93 -6.88
N ILE A 689 4.83 -20.45 -7.90
CA ILE A 689 6.25 -20.76 -8.09
C ILE A 689 7.10 -20.15 -6.96
N ARG A 690 6.64 -18.99 -6.40
CA ARG A 690 7.28 -18.24 -5.32
C ARG A 690 7.14 -18.97 -4.01
N GLU A 691 5.92 -19.49 -3.71
CA GLU A 691 5.58 -20.25 -2.51
C GLU A 691 6.23 -21.65 -2.57
N SER A 692 6.21 -22.28 -3.77
CA SER A 692 6.82 -23.58 -4.03
C SER A 692 8.33 -23.38 -4.23
N ILE A 693 8.90 -22.44 -3.47
CA ILE A 693 10.31 -22.07 -3.43
C ILE A 693 10.64 -21.70 -1.98
N HIS A 694 9.81 -20.80 -1.36
CA HIS A 694 9.88 -20.33 0.03
C HIS A 694 9.78 -21.52 0.98
N LEU A 695 8.79 -22.41 0.74
CA LEU A 695 8.54 -23.65 1.46
C LEU A 695 9.63 -24.68 1.17
N ARG A 696 9.99 -24.89 -0.12
CA ARG A 696 11.05 -25.80 -0.58
C ARG A 696 12.47 -25.31 -0.16
N ALA A 697 12.55 -24.47 0.90
CA ALA A 697 13.78 -23.91 1.47
C ALA A 697 13.60 -23.59 2.97
N LEU A 698 12.33 -23.56 3.45
CA LEU A 698 11.87 -23.28 4.82
C LEU A 698 12.26 -21.87 5.33
N GLY A 699 13.53 -21.51 5.15
CA GLY A 699 14.10 -20.21 5.53
C GLY A 699 15.61 -20.16 5.39
N ARG A 700 16.19 -20.95 4.48
CA ARG A 700 17.64 -21.03 4.25
C ARG A 700 18.28 -19.70 3.79
N GLN A 701 17.48 -18.79 3.19
CA GLN A 701 17.88 -17.47 2.65
C GLN A 701 18.90 -17.57 1.50
N ASN A 702 18.79 -18.66 0.70
CA ASN A 702 19.64 -18.98 -0.45
C ASN A 702 19.15 -18.36 -1.76
N PRO A 703 20.04 -17.74 -2.59
CA PRO A 703 19.59 -17.14 -3.87
C PRO A 703 18.95 -18.13 -4.89
N LEU A 704 17.64 -17.92 -5.15
CA LEU A 704 16.76 -18.72 -6.01
C LEU A 704 17.20 -18.84 -7.47
N ASP A 705 17.02 -17.75 -8.28
CA ASP A 705 17.33 -17.70 -9.72
C ASP A 705 16.46 -18.64 -10.57
N GLU A 706 15.85 -19.67 -9.92
CA GLU A 706 14.91 -20.61 -10.51
C GLU A 706 13.67 -19.81 -10.90
N PHE A 707 13.29 -18.81 -10.03
CA PHE A 707 12.19 -17.86 -10.20
C PHE A 707 12.39 -17.07 -11.47
N HIS A 708 13.55 -16.39 -11.62
CA HIS A 708 13.89 -15.56 -12.78
C HIS A 708 13.67 -16.28 -14.13
N ARG A 709 14.51 -17.30 -14.44
CA ARG A 709 14.47 -18.08 -15.68
C ARG A 709 13.08 -18.56 -16.07
N MSE A 710 12.30 -19.01 -15.06
CA MSE A 710 10.93 -19.50 -15.24
C MSE A 710 9.96 -18.39 -15.60
O MSE A 710 9.24 -18.51 -16.60
CB MSE A 710 10.46 -20.28 -14.01
CG MSE A 710 10.43 -21.78 -14.22
SE MSE A 710 10.73 -22.79 -12.56
CE MSE A 710 9.67 -24.43 -12.99
N ALA A 711 9.95 -17.30 -14.80
CA ALA A 711 9.08 -16.15 -14.99
C ALA A 711 9.31 -15.50 -16.36
N VAL A 712 10.57 -15.53 -16.81
CA VAL A 712 11.05 -15.02 -18.10
C VAL A 712 10.42 -15.88 -19.23
N ASP A 713 10.62 -17.21 -19.18
CA ASP A 713 10.12 -18.19 -20.16
C ASP A 713 8.60 -18.26 -20.26
N ALA A 714 7.90 -18.19 -19.10
CA ALA A 714 6.44 -18.24 -19.03
C ALA A 714 5.84 -16.99 -19.65
N PHE A 715 6.50 -15.83 -19.44
CA PHE A 715 6.09 -14.54 -19.98
C PHE A 715 6.35 -14.43 -21.48
N ALA A 716 7.49 -15.00 -21.95
CA ALA A 716 7.92 -15.00 -23.36
C ALA A 716 6.79 -15.32 -24.34
N SER A 717 5.99 -16.35 -24.04
CA SER A 717 4.88 -16.82 -24.87
C SER A 717 3.50 -16.32 -24.36
N LEU A 718 3.46 -15.08 -23.82
CA LEU A 718 2.22 -14.47 -23.31
C LEU A 718 1.50 -13.68 -24.39
N ALA A 719 2.18 -12.64 -24.95
CA ALA A 719 1.63 -11.75 -25.98
C ALA A 719 1.23 -12.50 -27.24
N ALA A 720 2.08 -13.45 -27.68
CA ALA A 720 1.87 -14.30 -28.85
C ALA A 720 0.65 -15.22 -28.69
N ASP A 721 0.39 -15.71 -27.46
CA ASP A 721 -0.76 -16.56 -27.14
C ASP A 721 -2.04 -15.76 -27.06
N ALA A 722 -1.96 -14.51 -26.54
CA ALA A 722 -3.08 -13.59 -26.36
C ALA A 722 -3.77 -13.10 -27.66
N ILE A 723 -3.01 -12.95 -28.77
CA ILE A 723 -3.52 -12.55 -30.08
C ILE A 723 -4.23 -13.73 -30.78
N GLU A 724 -3.73 -14.95 -30.51
CA GLU A 724 -4.25 -16.20 -31.04
C GLU A 724 -5.53 -16.62 -30.32
N ALA A 725 -5.54 -16.50 -28.96
CA ALA A 725 -6.70 -16.85 -28.12
C ALA A 725 -7.88 -15.92 -28.43
N ALA A 726 -7.60 -14.65 -28.82
CA ALA A 726 -8.58 -13.66 -29.23
C ALA A 726 -9.18 -14.06 -30.58
N GLN A 727 -8.29 -14.43 -31.55
CA GLN A 727 -8.65 -14.88 -32.90
C GLN A 727 -9.66 -16.03 -32.85
N GLN A 728 -9.39 -17.06 -32.03
CA GLN A 728 -10.24 -18.24 -31.83
C GLN A 728 -11.65 -17.95 -31.28
N THR A 729 -11.83 -16.77 -30.62
CA THR A 729 -13.13 -16.34 -30.07
C THR A 729 -14.00 -15.60 -31.11
N PHE A 730 -13.38 -15.08 -32.21
CA PHE A 730 -14.09 -14.41 -33.29
C PHE A 730 -14.80 -15.49 -34.13
N GLU A 731 -14.25 -16.71 -34.10
CA GLU A 731 -14.71 -17.91 -34.79
C GLU A 731 -16.08 -18.38 -34.30
N THR A 732 -16.40 -18.13 -33.00
CA THR A 732 -17.69 -18.46 -32.42
C THR A 732 -18.66 -17.31 -32.69
N ALA A 733 -19.15 -17.24 -33.95
CA ALA A 733 -20.09 -16.23 -34.44
C ALA A 733 -21.48 -16.45 -33.84
N PRO A 750 -15.98 -10.42 -14.77
CA PRO A 750 -15.40 -9.49 -13.78
C PRO A 750 -16.30 -9.28 -12.57
N THR A 751 -17.61 -9.04 -12.82
CA THR A 751 -18.73 -8.77 -11.91
C THR A 751 -18.46 -7.89 -10.65
N SER A 752 -17.56 -8.33 -9.73
CA SER A 752 -17.28 -7.60 -8.48
C SER A 752 -15.77 -7.57 -8.15
N THR A 753 -15.07 -6.51 -8.58
CA THR A 753 -13.63 -6.36 -8.34
C THR A 753 -13.33 -5.36 -7.24
N TRP A 754 -12.26 -5.64 -6.47
CA TRP A 754 -11.84 -4.81 -5.36
C TRP A 754 -10.30 -4.70 -5.27
N THR A 755 -9.81 -3.74 -4.46
CA THR A 755 -8.37 -3.49 -4.26
C THR A 755 -7.98 -3.63 -2.80
N TYR A 756 -6.72 -4.04 -2.54
CA TYR A 756 -6.19 -4.19 -1.20
C TYR A 756 -4.66 -4.12 -1.10
N MSE A 757 -4.19 -3.67 0.06
CA MSE A 757 -2.79 -3.57 0.42
C MSE A 757 -2.55 -4.80 1.27
O MSE A 757 -3.28 -4.98 2.25
CB MSE A 757 -2.59 -2.29 1.22
CG MSE A 757 -1.14 -1.93 1.49
SE MSE A 757 -0.71 -1.79 3.42
CE MSE A 757 -2.02 -0.40 3.95
N VAL A 758 -1.61 -5.66 0.89
CA VAL A 758 -1.31 -6.93 1.59
C VAL A 758 -0.58 -6.66 2.91
N ASN A 759 -1.30 -6.76 4.04
CA ASN A 759 -0.75 -6.51 5.37
C ASN A 759 -0.42 -7.79 6.17
N ASP A 760 0.80 -7.82 6.78
CA ASP A 760 1.34 -8.89 7.65
C ASP A 760 0.94 -10.33 7.25
N ASN A 761 0.47 -11.13 8.24
CA ASN A 761 -0.03 -12.51 8.16
C ASN A 761 -0.85 -12.94 9.44
N PRO A 762 -1.75 -12.10 10.02
CA PRO A 762 -2.47 -12.53 11.24
C PRO A 762 -3.87 -13.12 10.97
N LEU A 763 -4.95 -12.42 11.42
CA LEU A 763 -6.37 -12.78 11.30
C LEU A 763 -6.74 -14.14 11.90
#